data_3T6G
#
_entry.id   3T6G
#
_cell.length_a   171.883
_cell.length_b   171.883
_cell.length_c   78.270
_cell.angle_alpha   90.00
_cell.angle_beta   90.00
_cell.angle_gamma   90.00
#
_symmetry.space_group_name_H-M   'I 41'
#
loop_
_entity.id
_entity.type
_entity.pdbx_description
1 polymer 'SH2 domain-containing protein 3C'
2 polymer 'Breast cancer anti-estrogen resistance protein 1'
3 non-polymer 'ACETATE ION'
4 water water
#
loop_
_entity_poly.entity_id
_entity_poly.type
_entity_poly.pdbx_seq_one_letter_code
_entity_poly.pdbx_strand_id
1 'polypeptide(L)'
;MGKTFTVPIVEVTSSFNPATFQSLLIPRDNRPLEVGLLRKVKELLAEVDARTLARHVTKVDCLVARILGVTKEMQTLMGV
RWGMELLTLPHGRQLRLDLLERFHTMSIMLAVDILGSTGSAEERAALLHKTIQLAAELRGTMGNMFSFAAVMGALDMAQI
SRLEQTWVTLRQRHTEGAILYEKKLKPFLKSLNEGKEGPPLSNTTFPHVLPLITLLESDSAPPEGPEPWGSTEHGVEVVL
AHLEAARTVAHHGGLYHTNAEVKLQGFQARPELLEVFSTEFQMRLLWGSQGASSSQARRYEKFDKVLTALSHKLEPAVRS
SELLEHHHHHH
;
A,C
2 'polypeptide(L)'
;MSQDSPDGQYENSEGGWMEDYDYVHLQGKEEFEKTQKELLEKGSITRQGKSQLELQQLKQFERLEQEVSRPIDHDLANWT
PAQPLAPGRTGGLGPSDRQLLLFYLEQCEANLTTLTNAVDAFFTAVATNQPPKIFVAHSKFVILSAHKLVFIGDTLSRQA
KAADVRSQVTHYSNLLCDLLRGIVATTKAAALQYPSPSAAQDMVERVKELGHSTQQFRRVLGQLAAALE
;
B,D
#
# COMPACT_ATOMS: atom_id res chain seq x y z
N THR A 6 -17.11 2.64 -29.83
CA THR A 6 -17.60 3.21 -28.57
C THR A 6 -16.88 2.63 -27.33
N VAL A 7 -17.48 1.58 -26.78
CA VAL A 7 -17.16 1.06 -25.44
C VAL A 7 -15.68 1.06 -25.10
N PRO A 8 -14.93 0.01 -25.53
CA PRO A 8 -13.48 -0.10 -25.29
C PRO A 8 -12.69 0.63 -26.38
N ILE A 9 -11.53 1.15 -26.03
CA ILE A 9 -10.75 1.98 -26.93
C ILE A 9 -9.41 1.34 -27.30
N VAL A 10 -8.70 1.99 -28.21
CA VAL A 10 -7.42 1.46 -28.69
C VAL A 10 -6.39 2.55 -28.56
N GLU A 11 -5.55 2.41 -27.56
CA GLU A 11 -4.48 3.36 -27.34
C GLU A 11 -3.58 3.35 -28.57
N VAL A 12 -3.37 4.52 -29.15
CA VAL A 12 -2.61 4.61 -30.37
C VAL A 12 -1.32 5.38 -30.16
N THR A 13 -1.18 5.92 -28.95
CA THR A 13 -0.09 6.79 -28.59
C THR A 13 0.53 6.30 -27.27
N SER A 14 1.84 6.50 -27.10
CA SER A 14 2.51 5.97 -25.93
C SER A 14 2.04 6.67 -24.67
N SER A 15 1.88 5.92 -23.59
CA SER A 15 1.45 6.52 -22.34
C SER A 15 2.62 7.24 -21.59
N PHE A 16 3.82 7.14 -22.12
CA PHE A 16 4.96 7.91 -21.60
C PHE A 16 5.10 9.19 -22.39
N ASN A 17 5.23 10.33 -21.73
CA ASN A 17 5.50 11.57 -22.46
C ASN A 17 6.61 12.40 -21.84
N PRO A 18 7.85 11.96 -22.05
CA PRO A 18 9.07 12.58 -21.53
C PRO A 18 9.04 14.08 -21.68
N ALA A 19 8.73 14.55 -22.89
CA ALA A 19 8.73 15.98 -23.19
C ALA A 19 7.88 16.86 -22.25
N THR A 20 6.93 16.26 -21.52
CA THR A 20 6.07 17.03 -20.62
C THR A 20 6.34 16.77 -19.13
N PHE A 21 7.25 15.84 -18.85
CA PHE A 21 7.65 15.51 -17.50
C PHE A 21 8.35 16.70 -16.84
N GLN A 22 7.95 17.01 -15.61
CA GLN A 22 8.50 18.12 -14.85
C GLN A 22 8.77 17.62 -13.45
N SER A 23 9.80 18.16 -12.79
CA SER A 23 10.18 17.80 -11.42
C SER A 23 11.29 18.70 -10.91
N LEU A 24 11.72 18.49 -9.66
CA LEU A 24 12.84 19.23 -9.09
C LEU A 24 14.17 18.68 -9.61
N LEU A 25 14.18 17.37 -9.86
CA LEU A 25 15.32 16.69 -10.45
C LEU A 25 15.47 17.06 -11.92
N ILE A 26 14.38 17.00 -12.68
CA ILE A 26 14.45 17.30 -14.10
C ILE A 26 13.83 18.65 -14.49
N PRO A 27 14.67 19.69 -14.65
CA PRO A 27 14.21 21.04 -15.00
C PRO A 27 13.81 21.15 -16.47
N ARG A 28 13.16 22.25 -16.84
CA ARG A 28 12.52 22.37 -18.14
C ARG A 28 13.33 21.86 -19.33
N ASP A 29 14.47 22.49 -19.61
CA ASP A 29 15.24 22.09 -20.79
C ASP A 29 16.56 21.41 -20.45
N ASN A 30 16.51 20.18 -19.96
CA ASN A 30 17.73 19.53 -19.49
C ASN A 30 18.60 18.91 -20.60
N ARG A 31 19.90 18.84 -20.32
CA ARG A 31 20.87 18.20 -21.21
C ARG A 31 20.92 16.71 -20.90
N PRO A 32 21.38 15.89 -21.87
CA PRO A 32 21.43 14.47 -21.53
C PRO A 32 22.64 14.16 -20.65
N LEU A 33 22.46 13.29 -19.67
CA LEU A 33 23.56 12.84 -18.82
C LEU A 33 24.25 13.97 -18.05
N GLU A 34 23.47 14.95 -17.60
CA GLU A 34 24.01 16.02 -16.77
C GLU A 34 24.69 15.42 -15.52
N VAL A 35 25.92 15.85 -15.25
CA VAL A 35 26.72 15.22 -14.20
C VAL A 35 26.11 15.31 -12.81
N GLY A 36 25.63 16.50 -12.45
CA GLY A 36 25.00 16.69 -11.16
C GLY A 36 23.91 15.66 -10.96
N LEU A 37 23.10 15.48 -12.01
CA LEU A 37 21.93 14.63 -11.95
C LEU A 37 22.31 13.16 -11.91
N LEU A 38 23.29 12.79 -12.73
CA LEU A 38 23.85 11.44 -12.60
C LEU A 38 24.32 11.22 -11.16
N ARG A 39 24.98 12.23 -10.59
CA ARG A 39 25.47 12.11 -9.23
C ARG A 39 24.32 11.93 -8.24
N LYS A 40 23.28 12.76 -8.36
CA LYS A 40 22.11 12.65 -7.48
C LYS A 40 21.48 11.27 -7.61
N VAL A 41 21.26 10.83 -8.84
CA VAL A 41 20.71 9.49 -9.07
C VAL A 41 21.58 8.41 -8.41
N LYS A 42 22.90 8.48 -8.60
CA LYS A 42 23.80 7.52 -7.94
C LYS A 42 23.67 7.63 -6.42
N GLU A 43 23.69 8.87 -5.93
CA GLU A 43 23.43 9.09 -4.52
C GLU A 43 22.12 8.44 -4.11
N LEU A 44 21.04 8.71 -4.83
CA LEU A 44 19.72 8.18 -4.44
C LEU A 44 19.71 6.66 -4.39
N LEU A 45 20.30 6.02 -5.39
CA LEU A 45 20.39 4.56 -5.44
C LEU A 45 21.23 4.05 -4.28
N ALA A 46 22.38 4.71 -4.06
CA ALA A 46 23.30 4.30 -3.00
C ALA A 46 22.72 4.41 -1.58
N GLU A 47 21.88 5.42 -1.35
CA GLU A 47 21.38 5.72 0.00
C GLU A 47 20.71 4.53 0.64
N VAL A 48 20.33 3.56 -0.17
CA VAL A 48 19.37 2.60 0.32
C VAL A 48 19.69 1.18 -0.13
N ASP A 49 19.32 0.20 0.69
CA ASP A 49 19.70 -1.16 0.43
C ASP A 49 18.98 -1.76 -0.80
N ALA A 50 19.40 -2.94 -1.24
CA ALA A 50 18.82 -3.54 -2.44
C ALA A 50 17.34 -3.85 -2.29
N ARG A 51 16.92 -4.23 -1.09
CA ARG A 51 15.53 -4.61 -0.85
C ARG A 51 14.56 -3.44 -1.05
N THR A 52 14.86 -2.28 -0.48
CA THR A 52 14.00 -1.13 -0.70
C THR A 52 14.12 -0.61 -2.16
N LEU A 53 15.26 -0.78 -2.79
CA LEU A 53 15.36 -0.49 -4.20
C LEU A 53 14.31 -1.34 -4.91
N ALA A 54 14.23 -2.60 -4.51
CA ALA A 54 13.37 -3.58 -5.16
C ALA A 54 11.91 -3.23 -4.95
N ARG A 55 11.57 -2.90 -3.71
CA ARG A 55 10.19 -2.55 -3.41
C ARG A 55 9.78 -1.35 -4.25
N HIS A 56 10.68 -0.38 -4.39
CA HIS A 56 10.34 0.80 -5.15
C HIS A 56 10.03 0.55 -6.64
N VAL A 57 10.88 -0.25 -7.33
CA VAL A 57 10.68 -0.48 -8.76
C VAL A 57 9.47 -1.32 -9.02
N THR A 58 9.23 -2.28 -8.13
CA THR A 58 8.11 -3.17 -8.26
C THR A 58 6.84 -2.35 -8.26
N LYS A 59 6.78 -1.35 -7.37
CA LYS A 59 5.59 -0.50 -7.26
C LYS A 59 5.33 0.17 -8.60
N VAL A 60 6.36 0.80 -9.12
CA VAL A 60 6.22 1.55 -10.35
C VAL A 60 5.93 0.60 -11.51
N ASP A 61 6.58 -0.56 -11.49
CA ASP A 61 6.47 -1.55 -12.53
C ASP A 61 5.01 -1.94 -12.65
N CYS A 62 4.43 -2.23 -11.49
CA CYS A 62 3.07 -2.66 -11.39
C CYS A 62 2.05 -1.57 -11.74
N LEU A 63 2.40 -0.32 -11.51
CA LEU A 63 1.48 0.76 -11.88
C LEU A 63 1.43 0.86 -13.40
N VAL A 64 2.60 0.75 -14.03
CA VAL A 64 2.74 0.96 -15.46
C VAL A 64 2.09 -0.21 -16.19
N ALA A 65 2.27 -1.40 -15.62
CA ALA A 65 1.76 -2.60 -16.23
C ALA A 65 0.27 -2.82 -15.93
N ARG A 66 -0.33 -1.87 -15.20
CA ARG A 66 -1.73 -2.04 -14.76
C ARG A 66 -1.96 -3.32 -13.99
N ILE A 67 -1.10 -3.57 -13.02
CA ILE A 67 -1.35 -4.58 -11.98
C ILE A 67 -1.86 -3.87 -10.72
N LEU A 68 -1.45 -2.61 -10.54
CA LEU A 68 -1.93 -1.79 -9.42
C LEU A 68 -2.42 -0.45 -9.95
N GLY A 69 -3.18 0.25 -9.12
CA GLY A 69 -3.68 1.58 -9.45
C GLY A 69 -4.69 1.55 -10.59
N VAL A 70 -5.41 0.44 -10.73
CA VAL A 70 -6.40 0.32 -11.82
C VAL A 70 -7.81 0.66 -11.38
N THR A 71 -8.34 1.79 -11.84
CA THR A 71 -9.74 2.13 -11.57
C THR A 71 -10.73 1.35 -12.45
N LYS A 72 -12.01 1.38 -12.10
CA LYS A 72 -13.02 0.75 -12.96
C LYS A 72 -13.16 1.53 -14.25
N GLU A 73 -12.93 2.84 -14.18
CA GLU A 73 -12.98 3.61 -15.41
C GLU A 73 -11.82 3.23 -16.34
N MET A 74 -10.67 2.86 -15.78
CA MET A 74 -9.56 2.38 -16.60
CA MET A 74 -9.55 2.39 -16.59
C MET A 74 -9.94 1.06 -17.26
N GLN A 75 -10.56 0.18 -16.47
CA GLN A 75 -11.01 -1.13 -16.95
C GLN A 75 -12.02 -1.05 -18.11
N THR A 76 -12.88 -0.05 -18.05
CA THR A 76 -13.93 0.06 -19.03
C THR A 76 -13.29 0.46 -20.35
N LEU A 77 -12.30 1.36 -20.28
CA LEU A 77 -11.64 1.81 -21.48
C LEU A 77 -10.79 0.68 -22.09
N MET A 78 -10.30 -0.22 -21.24
CA MET A 78 -9.41 -1.29 -21.70
C MET A 78 -10.23 -2.42 -22.28
N GLY A 79 -11.42 -2.62 -21.72
CA GLY A 79 -12.26 -3.77 -22.03
C GLY A 79 -11.98 -4.95 -21.11
N VAL A 80 -10.88 -4.87 -20.35
CA VAL A 80 -10.47 -5.97 -19.47
C VAL A 80 -10.11 -5.44 -18.08
N ARG A 81 -10.15 -6.31 -17.08
CA ARG A 81 -9.77 -5.92 -15.72
C ARG A 81 -8.29 -5.56 -15.56
N TRP A 82 -7.38 -6.37 -16.10
CA TRP A 82 -5.95 -6.25 -15.79
C TRP A 82 -5.02 -6.08 -16.99
N GLY A 83 -3.95 -5.31 -16.80
CA GLY A 83 -2.97 -5.10 -17.86
C GLY A 83 -2.35 -6.41 -18.34
N MET A 84 -2.34 -7.41 -17.47
CA MET A 84 -1.78 -8.69 -17.85
C MET A 84 -2.61 -9.27 -18.96
N GLU A 85 -3.93 -9.13 -18.83
CA GLU A 85 -4.87 -9.58 -19.84
C GLU A 85 -4.75 -8.70 -21.06
N LEU A 86 -4.66 -7.40 -20.84
CA LEU A 86 -4.60 -6.45 -21.95
C LEU A 86 -3.46 -6.74 -22.91
N LEU A 87 -2.33 -7.20 -22.41
CA LEU A 87 -1.15 -7.35 -23.28
C LEU A 87 -1.11 -8.62 -24.16
N THR A 88 -2.12 -9.47 -24.03
CA THR A 88 -2.31 -10.58 -24.96
C THR A 88 -3.21 -10.16 -26.13
N LEU A 89 -4.00 -9.13 -25.93
CA LEU A 89 -5.00 -8.69 -26.91
C LEU A 89 -4.41 -7.78 -27.98
N PRO A 90 -5.06 -7.69 -29.14
CA PRO A 90 -4.34 -7.05 -30.24
C PRO A 90 -4.23 -5.56 -29.97
N HIS A 91 -5.15 -5.02 -29.19
CA HIS A 91 -5.12 -3.60 -28.91
C HIS A 91 -4.22 -3.28 -27.71
N GLY A 92 -3.81 -4.32 -26.99
CA GLY A 92 -2.78 -4.20 -25.98
C GLY A 92 -1.44 -3.81 -26.59
N ARG A 93 -1.43 -3.49 -27.86
CA ARG A 93 -0.17 -3.18 -28.54
C ARG A 93 0.63 -2.04 -27.87
N GLN A 94 -0.04 -0.96 -27.49
CA GLN A 94 0.66 0.20 -26.94
C GLN A 94 1.27 -0.09 -25.54
N LEU A 95 0.51 -0.80 -24.71
CA LEU A 95 0.99 -1.32 -23.46
C LEU A 95 2.27 -2.11 -23.71
N ARG A 96 2.18 -3.14 -24.55
CA ARG A 96 3.35 -3.95 -24.89
C ARG A 96 4.56 -3.10 -25.31
N LEU A 97 4.32 -2.07 -26.11
CA LEU A 97 5.44 -1.25 -26.54
C LEU A 97 6.00 -0.44 -25.36
N ASP A 98 5.12 0.08 -24.50
CA ASP A 98 5.53 0.84 -23.32
C ASP A 98 6.36 -0.01 -22.35
N LEU A 99 5.90 -1.23 -22.08
CA LEU A 99 6.66 -2.13 -21.25
C LEU A 99 8.02 -2.45 -21.88
N LEU A 100 8.13 -2.40 -23.21
CA LEU A 100 9.41 -2.68 -23.84
C LEU A 100 10.36 -1.49 -23.69
N GLU A 101 9.84 -0.27 -23.79
CA GLU A 101 10.68 0.91 -23.55
C GLU A 101 11.15 0.87 -22.11
N ARG A 102 10.24 0.51 -21.21
CA ARG A 102 10.56 0.54 -19.80
C ARG A 102 11.71 -0.41 -19.53
N PHE A 103 11.53 -1.65 -19.94
CA PHE A 103 12.51 -2.72 -19.80
C PHE A 103 13.91 -2.31 -20.30
N HIS A 104 14.05 -2.04 -21.59
CA HIS A 104 15.40 -1.74 -22.04
C HIS A 104 15.97 -0.45 -21.46
N THR A 105 15.12 0.55 -21.30
CA THR A 105 15.58 1.83 -20.78
C THR A 105 16.07 1.74 -19.32
N MET A 106 15.39 0.92 -18.52
CA MET A 106 15.82 0.58 -17.19
C MET A 106 17.23 -0.05 -17.21
N SER A 107 17.41 -1.11 -17.99
CA SER A 107 18.73 -1.78 -18.13
C SER A 107 19.84 -0.79 -18.45
N ILE A 108 19.54 0.14 -19.35
CA ILE A 108 20.49 1.21 -19.61
C ILE A 108 20.81 2.03 -18.34
N MET A 109 19.76 2.41 -17.61
CA MET A 109 19.90 3.24 -16.41
C MET A 109 20.86 2.55 -15.45
N LEU A 110 20.54 1.32 -15.08
CA LEU A 110 21.39 0.51 -14.23
C LEU A 110 22.83 0.39 -14.78
N ALA A 111 22.98 0.18 -16.09
CA ALA A 111 24.31 0.03 -16.67
C ALA A 111 25.12 1.32 -16.55
N VAL A 112 24.45 2.45 -16.73
CA VAL A 112 25.10 3.75 -16.68
C VAL A 112 25.59 4.11 -15.25
N ASP A 113 24.88 3.61 -14.25
CA ASP A 113 25.21 3.93 -12.89
C ASP A 113 26.51 3.20 -12.63
N ILE A 114 26.53 1.95 -13.08
CA ILE A 114 27.72 1.12 -12.96
C ILE A 114 28.94 1.69 -13.66
N LEU A 115 28.80 2.08 -14.91
CA LEU A 115 29.93 2.65 -15.63
C LEU A 115 30.23 4.07 -15.15
N GLY A 116 29.33 4.59 -14.32
CA GLY A 116 29.54 5.91 -13.73
C GLY A 116 30.34 5.79 -12.44
N SER A 117 30.49 4.57 -11.96
CA SER A 117 31.28 4.29 -10.77
C SER A 117 32.77 4.23 -11.11
N THR A 118 33.37 5.41 -11.26
CA THR A 118 34.72 5.54 -11.78
C THR A 118 35.81 5.51 -10.71
N GLY A 119 35.44 5.26 -9.46
CA GLY A 119 36.41 5.31 -8.39
C GLY A 119 37.49 4.29 -8.62
N SER A 120 37.08 3.05 -8.85
CA SER A 120 38.03 1.97 -9.04
C SER A 120 37.26 0.68 -9.30
N ALA A 121 37.92 -0.30 -9.87
CA ALA A 121 37.28 -1.58 -10.11
C ALA A 121 36.74 -2.10 -8.80
N GLU A 122 37.38 -1.74 -7.71
CA GLU A 122 36.98 -2.22 -6.39
C GLU A 122 35.63 -1.66 -5.88
N GLU A 123 35.41 -0.35 -6.04
CA GLU A 123 34.09 0.24 -5.76
C GLU A 123 33.04 -0.29 -6.72
N ARG A 124 33.38 -0.28 -8.01
CA ARG A 124 32.50 -0.83 -9.04
C ARG A 124 32.06 -2.25 -8.73
N ALA A 125 32.99 -3.12 -8.31
CA ALA A 125 32.64 -4.48 -7.96
C ALA A 125 31.56 -4.50 -6.90
N ALA A 126 31.71 -3.69 -5.88
CA ALA A 126 30.74 -3.59 -4.79
C ALA A 126 29.36 -3.12 -5.28
N LEU A 127 29.37 -2.13 -6.18
CA LEU A 127 28.16 -1.70 -6.87
C LEU A 127 27.55 -2.82 -7.75
N LEU A 128 28.40 -3.52 -8.49
CA LEU A 128 27.99 -4.70 -9.24
C LEU A 128 27.36 -5.73 -8.30
N HIS A 129 27.93 -5.88 -7.12
CA HIS A 129 27.44 -6.90 -6.20
C HIS A 129 26.05 -6.53 -5.70
N LYS A 130 25.81 -5.23 -5.63
CA LYS A 130 24.57 -4.71 -5.13
C LYS A 130 23.49 -4.78 -6.22
N THR A 131 23.88 -4.51 -7.46
CA THR A 131 22.97 -4.76 -8.58
C THR A 131 22.47 -6.21 -8.59
N ILE A 132 23.37 -7.16 -8.37
CA ILE A 132 23.02 -8.58 -8.24
C ILE A 132 22.07 -8.85 -7.07
N GLN A 133 22.36 -8.26 -5.91
CA GLN A 133 21.46 -8.31 -4.78
C GLN A 133 20.07 -7.77 -5.18
N LEU A 134 20.04 -6.65 -5.91
CA LEU A 134 18.77 -6.14 -6.41
C LEU A 134 18.05 -7.20 -7.26
N ALA A 135 18.78 -7.85 -8.15
CA ALA A 135 18.16 -8.86 -9.00
C ALA A 135 17.70 -10.07 -8.19
N ALA A 136 18.45 -10.43 -7.16
CA ALA A 136 18.03 -11.55 -6.32
C ALA A 136 16.78 -11.17 -5.52
N GLU A 137 16.71 -9.93 -5.08
CA GLU A 137 15.54 -9.47 -4.32
C GLU A 137 14.29 -9.38 -5.20
N LEU A 138 14.42 -8.72 -6.33
CA LEU A 138 13.37 -8.70 -7.32
C LEU A 138 12.82 -10.11 -7.54
N ARG A 139 13.72 -11.07 -7.66
CA ARG A 139 13.29 -12.41 -8.02
C ARG A 139 12.65 -13.16 -6.88
N GLY A 140 13.17 -12.94 -5.67
CA GLY A 140 12.79 -13.75 -4.53
C GLY A 140 11.84 -13.07 -3.56
N THR A 141 12.21 -11.89 -3.12
CA THR A 141 11.38 -11.16 -2.18
C THR A 141 10.14 -10.60 -2.89
N MET A 142 10.38 -9.88 -3.97
CA MET A 142 9.32 -9.20 -4.70
C MET A 142 8.53 -10.04 -5.71
N GLY A 143 9.07 -11.20 -6.11
CA GLY A 143 8.48 -11.99 -7.19
C GLY A 143 8.10 -11.13 -8.39
N ASN A 144 9.02 -10.26 -8.79
CA ASN A 144 8.82 -9.36 -9.91
C ASN A 144 9.74 -9.75 -11.06
N MET A 145 9.27 -10.64 -11.95
CA MET A 145 10.09 -11.16 -13.06
C MET A 145 10.45 -10.08 -14.06
N PHE A 146 9.63 -9.05 -14.14
CA PHE A 146 9.87 -7.99 -15.13
C PHE A 146 11.20 -7.28 -14.87
N SER A 147 11.30 -6.58 -13.74
CA SER A 147 12.55 -5.88 -13.39
C SER A 147 13.72 -6.79 -13.03
N PHE A 148 13.43 -7.95 -12.46
CA PHE A 148 14.44 -8.99 -12.32
C PHE A 148 15.19 -9.17 -13.65
N ALA A 149 14.46 -9.33 -14.74
CA ALA A 149 15.08 -9.58 -16.05
C ALA A 149 15.67 -8.32 -16.63
N ALA A 150 15.08 -7.18 -16.30
CA ALA A 150 15.65 -5.92 -16.74
C ALA A 150 17.00 -5.69 -16.02
N VAL A 151 17.14 -6.24 -14.81
CA VAL A 151 18.35 -6.01 -14.03
C VAL A 151 19.47 -6.93 -14.50
N MET A 152 19.18 -8.22 -14.58
CA MET A 152 19.99 -9.20 -15.32
C MET A 152 20.34 -8.72 -16.75
N GLY A 153 19.39 -8.13 -17.45
CA GLY A 153 19.69 -7.50 -18.72
C GLY A 153 20.84 -6.52 -18.61
N ALA A 154 20.84 -5.69 -17.57
CA ALA A 154 21.95 -4.74 -17.33
C ALA A 154 23.31 -5.47 -17.11
N LEU A 155 23.26 -6.51 -16.28
CA LEU A 155 24.44 -7.23 -15.83
C LEU A 155 25.06 -8.01 -16.96
N ASP A 156 24.36 -8.06 -18.08
CA ASP A 156 24.73 -8.94 -19.19
C ASP A 156 24.97 -8.13 -20.47
N MET A 157 24.80 -6.82 -20.42
CA MET A 157 25.16 -6.04 -21.60
C MET A 157 26.63 -6.29 -21.87
N ALA A 158 27.02 -6.35 -23.14
CA ALA A 158 28.43 -6.60 -23.45
C ALA A 158 29.27 -5.58 -22.70
N GLN A 159 28.78 -4.35 -22.61
CA GLN A 159 29.57 -3.26 -22.06
C GLN A 159 29.85 -3.43 -20.57
N ILE A 160 29.03 -4.24 -19.89
CA ILE A 160 29.22 -4.48 -18.47
C ILE A 160 29.98 -5.77 -18.24
N SER A 161 29.72 -6.78 -19.08
CA SER A 161 30.27 -8.10 -18.83
C SER A 161 31.74 -8.20 -19.23
N ARG A 162 32.24 -7.18 -19.93
CA ARG A 162 33.66 -7.11 -20.30
C ARG A 162 34.51 -6.34 -19.28
N LEU A 163 33.92 -5.91 -18.16
CA LEU A 163 34.72 -5.21 -17.16
C LEU A 163 35.46 -6.24 -16.32
N GLU A 164 36.54 -6.77 -16.89
CA GLU A 164 37.19 -7.94 -16.34
C GLU A 164 37.73 -7.67 -14.95
N GLN A 165 38.37 -6.52 -14.78
CA GLN A 165 38.87 -6.12 -13.48
C GLN A 165 37.74 -6.16 -12.47
N THR A 166 36.57 -5.62 -12.85
CA THR A 166 35.40 -5.58 -11.95
C THR A 166 34.90 -6.99 -11.61
N TRP A 167 34.75 -7.85 -12.61
CA TRP A 167 34.30 -9.23 -12.37
C TRP A 167 35.28 -10.09 -11.56
N VAL A 168 36.57 -10.01 -11.89
CA VAL A 168 37.58 -10.72 -11.10
C VAL A 168 37.49 -10.30 -9.63
N THR A 169 37.47 -8.99 -9.40
CA THR A 169 37.39 -8.48 -8.04
C THR A 169 36.05 -8.80 -7.36
N LEU A 170 34.97 -8.95 -8.14
CA LEU A 170 33.70 -9.42 -7.59
C LEU A 170 33.86 -10.85 -7.11
N ARG A 171 34.66 -11.59 -7.85
CA ARG A 171 34.93 -12.98 -7.53
C ARG A 171 35.78 -13.08 -6.26
N GLN A 172 36.67 -12.11 -6.07
CA GLN A 172 37.56 -12.10 -4.90
C GLN A 172 36.86 -11.64 -3.64
N ARG A 173 36.13 -10.54 -3.74
CA ARG A 173 35.61 -9.84 -2.57
C ARG A 173 34.15 -10.14 -2.26
N HIS A 174 33.41 -10.56 -3.27
CA HIS A 174 31.98 -10.81 -3.11
C HIS A 174 31.67 -12.18 -3.65
N THR A 175 32.36 -13.16 -3.08
CA THR A 175 32.30 -14.49 -3.64
C THR A 175 30.89 -15.07 -3.65
N GLU A 176 30.14 -14.89 -2.57
CA GLU A 176 28.77 -15.38 -2.56
C GLU A 176 27.95 -14.75 -3.67
N GLY A 177 28.10 -13.44 -3.85
CA GLY A 177 27.39 -12.75 -4.90
C GLY A 177 27.64 -13.36 -6.27
N ALA A 178 28.91 -13.38 -6.67
CA ALA A 178 29.31 -13.87 -7.98
C ALA A 178 28.74 -15.26 -8.30
N ILE A 179 28.74 -16.16 -7.30
CA ILE A 179 28.21 -17.50 -7.47
C ILE A 179 26.70 -17.45 -7.66
N LEU A 180 26.06 -16.66 -6.82
CA LEU A 180 24.62 -16.50 -6.89
C LEU A 180 24.21 -16.17 -8.33
N TYR A 181 24.89 -15.17 -8.91
CA TYR A 181 24.66 -14.73 -10.27
C TYR A 181 24.86 -15.83 -11.30
N GLU A 182 26.05 -16.46 -11.27
CA GLU A 182 26.44 -17.43 -12.29
C GLU A 182 25.67 -18.73 -12.18
N LYS A 183 25.38 -19.11 -10.94
CA LYS A 183 24.90 -20.45 -10.66
C LYS A 183 23.42 -20.52 -10.28
N LYS A 184 22.81 -19.38 -9.97
CA LYS A 184 21.41 -19.37 -9.57
C LYS A 184 20.54 -18.52 -10.48
N LEU A 185 20.88 -17.23 -10.53
CA LEU A 185 20.06 -16.26 -11.22
C LEU A 185 20.06 -16.43 -12.72
N LYS A 186 21.26 -16.53 -13.28
CA LYS A 186 21.44 -16.57 -14.73
C LYS A 186 20.68 -17.73 -15.39
N PRO A 187 20.82 -18.93 -14.82
CA PRO A 187 20.18 -20.15 -15.33
C PRO A 187 18.69 -20.21 -15.02
N PHE A 188 18.26 -19.47 -14.02
CA PHE A 188 16.83 -19.35 -13.73
C PHE A 188 16.18 -18.60 -14.88
N LEU A 189 16.79 -17.47 -15.21
CA LEU A 189 16.31 -16.64 -16.28
C LEU A 189 16.35 -17.39 -17.61
N LYS A 190 17.31 -18.29 -17.76
CA LYS A 190 17.44 -19.04 -19.00
C LYS A 190 16.24 -19.97 -19.15
N SER A 191 15.83 -20.60 -18.05
CA SER A 191 14.60 -21.39 -18.00
C SER A 191 13.38 -20.57 -18.37
N LEU A 192 13.16 -19.46 -17.66
CA LEU A 192 11.96 -18.67 -17.85
C LEU A 192 11.79 -18.39 -19.33
N ASN A 193 12.91 -18.08 -19.99
CA ASN A 193 12.89 -17.67 -21.39
C ASN A 193 12.74 -18.88 -22.33
N GLU A 194 13.00 -20.07 -21.81
CA GLU A 194 12.85 -21.30 -22.59
C GLU A 194 11.53 -21.89 -22.19
N GLY A 195 10.66 -21.07 -21.60
CA GLY A 195 9.33 -21.50 -21.25
C GLY A 195 9.25 -22.61 -20.22
N LYS A 196 10.35 -22.87 -19.51
CA LYS A 196 10.34 -23.85 -18.42
C LYS A 196 9.56 -23.33 -17.22
N GLU A 197 9.28 -24.23 -16.28
CA GLU A 197 8.53 -23.87 -15.09
C GLU A 197 9.03 -22.58 -14.48
N GLY A 198 8.13 -21.63 -14.29
CA GLY A 198 8.45 -20.34 -13.71
C GLY A 198 8.30 -20.30 -12.21
N PRO A 199 8.19 -19.09 -11.64
CA PRO A 199 8.13 -18.85 -10.20
C PRO A 199 6.79 -19.25 -9.62
N PRO A 200 6.76 -19.69 -8.35
CA PRO A 200 5.50 -20.12 -7.74
C PRO A 200 4.50 -18.98 -7.83
N LEU A 201 3.36 -19.26 -8.44
CA LEU A 201 2.35 -18.27 -8.69
C LEU A 201 1.99 -17.55 -7.39
N SER A 202 2.08 -18.25 -6.26
CA SER A 202 1.67 -17.68 -4.98
C SER A 202 2.56 -16.54 -4.45
N ASN A 203 3.78 -16.44 -4.95
CA ASN A 203 4.64 -15.31 -4.58
C ASN A 203 4.77 -14.32 -5.71
N THR A 204 4.09 -14.58 -6.81
CA THR A 204 4.25 -13.76 -8.00
C THR A 204 3.41 -12.50 -8.00
N THR A 205 3.97 -11.48 -8.63
CA THR A 205 3.55 -10.12 -8.46
C THR A 205 3.64 -9.50 -9.82
N PHE A 206 4.53 -10.05 -10.64
CA PHE A 206 4.68 -9.60 -12.01
C PHE A 206 5.38 -10.71 -12.80
N PRO A 207 4.59 -11.50 -13.55
CA PRO A 207 5.05 -12.74 -14.17
C PRO A 207 6.00 -12.44 -15.31
N HIS A 208 6.61 -13.50 -15.84
CA HIS A 208 7.54 -13.32 -16.95
C HIS A 208 6.74 -13.16 -18.26
N VAL A 209 6.74 -11.96 -18.83
CA VAL A 209 5.95 -11.68 -20.02
C VAL A 209 6.81 -11.10 -21.15
N LEU A 210 8.12 -10.99 -20.94
CA LEU A 210 8.96 -10.46 -22.03
C LEU A 210 9.05 -11.36 -23.28
N PRO A 211 9.18 -12.67 -23.10
CA PRO A 211 9.11 -13.44 -24.33
C PRO A 211 7.81 -13.15 -25.08
N LEU A 212 6.66 -13.37 -24.46
CA LEU A 212 5.36 -13.05 -25.08
C LEU A 212 5.31 -11.69 -25.80
N ILE A 213 5.56 -10.59 -25.10
CA ILE A 213 5.36 -9.31 -25.75
C ILE A 213 6.35 -9.07 -26.87
N THR A 214 7.44 -9.81 -26.87
CA THR A 214 8.40 -9.67 -27.95
C THR A 214 7.93 -10.42 -29.20
N LEU A 215 7.45 -11.65 -28.99
CA LEU A 215 6.76 -12.39 -30.03
C LEU A 215 5.69 -11.50 -30.68
N LEU A 216 4.63 -11.17 -29.95
CA LEU A 216 3.50 -10.46 -30.53
C LEU A 216 3.88 -9.15 -31.22
N GLU A 217 5.12 -8.70 -31.05
CA GLU A 217 5.56 -7.51 -31.74
C GLU A 217 6.54 -7.86 -32.85
N SER A 218 6.01 -8.02 -34.05
CA SER A 218 6.80 -8.46 -35.20
C SER A 218 5.90 -9.02 -36.29
N GLU A 233 13.57 -16.32 -33.63
CA GLU A 233 14.50 -16.59 -32.54
C GLU A 233 14.22 -17.93 -31.85
N HIS A 234 13.04 -18.03 -31.21
CA HIS A 234 12.61 -19.26 -30.55
C HIS A 234 12.22 -20.34 -31.55
N GLY A 235 12.03 -21.56 -31.05
CA GLY A 235 11.63 -22.65 -31.91
C GLY A 235 10.15 -22.88 -31.81
N VAL A 236 9.54 -23.49 -32.82
CA VAL A 236 8.11 -23.68 -32.83
C VAL A 236 7.55 -24.24 -31.52
N GLU A 237 8.34 -24.98 -30.76
CA GLU A 237 7.82 -25.60 -29.54
C GLU A 237 7.79 -24.66 -28.31
N VAL A 238 8.79 -23.82 -28.13
CA VAL A 238 8.75 -22.90 -27.02
C VAL A 238 7.83 -21.73 -27.35
N VAL A 239 7.84 -21.32 -28.61
CA VAL A 239 6.88 -20.33 -29.07
C VAL A 239 5.47 -20.72 -28.61
N LEU A 240 5.07 -21.97 -28.82
CA LEU A 240 3.74 -22.35 -28.36
C LEU A 240 3.71 -22.44 -26.82
N ALA A 241 4.87 -22.56 -26.22
CA ALA A 241 4.95 -22.71 -24.78
C ALA A 241 4.72 -21.34 -24.12
N HIS A 242 5.33 -20.31 -24.67
CA HIS A 242 5.08 -18.98 -24.17
C HIS A 242 3.63 -18.57 -24.37
N LEU A 243 3.04 -18.94 -25.51
CA LEU A 243 1.66 -18.56 -25.81
C LEU A 243 0.66 -19.26 -24.90
N GLU A 244 0.83 -20.55 -24.69
CA GLU A 244 -0.10 -21.25 -23.82
C GLU A 244 0.02 -20.70 -22.40
N ALA A 245 1.24 -20.45 -21.98
CA ALA A 245 1.51 -19.97 -20.64
C ALA A 245 0.87 -18.61 -20.45
N ALA A 246 0.81 -17.84 -21.53
CA ALA A 246 0.33 -16.49 -21.41
C ALA A 246 -1.14 -16.52 -21.07
N ARG A 247 -1.79 -17.67 -21.25
CA ARG A 247 -3.21 -17.73 -20.96
C ARG A 247 -3.39 -17.90 -19.46
N THR A 248 -2.46 -18.60 -18.82
CA THR A 248 -2.47 -18.73 -17.38
C THR A 248 -2.31 -17.35 -16.75
N VAL A 249 -1.33 -16.62 -17.29
CA VAL A 249 -1.07 -15.25 -16.92
C VAL A 249 -2.28 -14.32 -16.98
N ALA A 250 -2.93 -14.30 -18.13
CA ALA A 250 -4.04 -13.38 -18.35
C ALA A 250 -5.18 -13.76 -17.42
N HIS A 251 -5.30 -15.05 -17.15
CA HIS A 251 -6.37 -15.57 -16.32
C HIS A 251 -6.06 -15.27 -14.86
N HIS A 252 -4.86 -14.78 -14.59
CA HIS A 252 -4.42 -14.61 -13.22
C HIS A 252 -4.12 -13.15 -12.87
N GLY A 253 -4.63 -12.23 -13.68
CA GLY A 253 -4.44 -10.81 -13.42
C GLY A 253 -4.83 -10.34 -12.01
N GLY A 254 -5.86 -10.98 -11.46
CA GLY A 254 -6.36 -10.66 -10.14
C GLY A 254 -5.52 -11.22 -9.02
N LEU A 255 -4.74 -12.25 -9.32
CA LEU A 255 -3.85 -12.83 -8.34
C LEU A 255 -2.61 -11.97 -8.18
N TYR A 256 -2.07 -11.51 -9.31
CA TYR A 256 -0.88 -10.68 -9.25
C TYR A 256 -1.18 -9.35 -8.55
N HIS A 257 -2.36 -8.79 -8.81
CA HIS A 257 -2.76 -7.54 -8.19
C HIS A 257 -2.81 -7.71 -6.68
N THR A 258 -3.56 -8.73 -6.25
CA THR A 258 -3.63 -9.11 -4.84
C THR A 258 -2.24 -9.22 -4.21
N ASN A 259 -1.45 -10.18 -4.68
CA ASN A 259 -0.09 -10.37 -4.18
C ASN A 259 0.63 -9.05 -4.04
N ALA A 260 0.63 -8.28 -5.11
CA ALA A 260 1.33 -7.00 -5.15
C ALA A 260 0.79 -6.04 -4.07
N GLU A 261 -0.51 -6.05 -3.85
CA GLU A 261 -1.08 -5.09 -2.91
C GLU A 261 -0.80 -5.51 -1.47
N VAL A 262 -0.78 -6.82 -1.23
CA VAL A 262 -0.45 -7.37 0.07
C VAL A 262 1.04 -7.28 0.39
N LYS A 263 1.86 -7.37 -0.63
CA LYS A 263 3.30 -7.36 -0.44
C LYS A 263 3.76 -5.93 -0.19
N LEU A 264 2.90 -4.96 -0.50
CA LEU A 264 3.28 -3.56 -0.39
C LEU A 264 2.42 -2.83 0.64
N GLN A 265 1.63 -3.58 1.40
CA GLN A 265 0.83 -2.92 2.43
C GLN A 265 1.74 -2.47 3.56
N GLY A 266 1.77 -1.17 3.79
CA GLY A 266 2.69 -0.60 4.75
C GLY A 266 3.92 -0.04 4.05
N PHE A 267 3.95 -0.10 2.72
CA PHE A 267 5.09 0.43 2.00
C PHE A 267 5.22 1.93 2.22
N GLN A 268 6.40 2.36 2.64
CA GLN A 268 6.67 3.78 2.85
C GLN A 268 7.61 4.31 1.78
N ALA A 269 7.04 4.83 0.70
CA ALA A 269 7.84 5.12 -0.48
C ALA A 269 8.57 6.44 -0.35
N ARG A 270 9.81 6.48 -0.82
CA ARG A 270 10.52 7.74 -0.92
C ARG A 270 10.33 8.28 -2.33
N PRO A 271 9.50 9.31 -2.46
CA PRO A 271 9.24 10.09 -3.66
C PRO A 271 10.40 10.11 -4.67
N GLU A 272 11.57 10.56 -4.25
CA GLU A 272 12.70 10.76 -5.18
C GLU A 272 13.11 9.44 -5.81
N LEU A 273 13.01 8.39 -5.02
CA LEU A 273 13.36 7.07 -5.46
C LEU A 273 12.37 6.63 -6.51
N LEU A 274 11.08 6.88 -6.29
CA LEU A 274 10.07 6.56 -7.31
C LEU A 274 10.41 7.33 -8.57
N GLU A 275 10.73 8.62 -8.44
CA GLU A 275 11.09 9.34 -9.66
C GLU A 275 12.18 8.60 -10.47
N VAL A 276 13.22 8.13 -9.75
CA VAL A 276 14.42 7.52 -10.37
C VAL A 276 14.05 6.30 -11.20
N PHE A 277 13.04 5.58 -10.72
CA PHE A 277 12.59 4.35 -11.34
C PHE A 277 11.41 4.57 -12.27
N SER A 278 11.22 5.82 -12.68
CA SER A 278 10.17 6.16 -13.63
C SER A 278 10.79 6.33 -15.02
N THR A 279 10.14 5.71 -16.04
CA THR A 279 10.66 5.65 -17.41
C THR A 279 10.77 7.04 -18.06
N GLU A 280 9.75 7.86 -17.85
CA GLU A 280 9.82 9.25 -18.25
C GLU A 280 11.03 9.96 -17.65
N PHE A 281 11.26 9.77 -16.34
CA PHE A 281 12.44 10.36 -15.72
C PHE A 281 13.69 9.83 -16.43
N GLN A 282 13.75 8.53 -16.65
CA GLN A 282 14.90 7.93 -17.32
C GLN A 282 15.12 8.45 -18.74
N MET A 283 14.07 8.46 -19.55
CA MET A 283 14.22 8.95 -20.91
C MET A 283 14.84 10.35 -20.92
N ARG A 284 14.30 11.25 -20.10
CA ARG A 284 14.82 12.61 -19.99
C ARG A 284 16.25 12.67 -19.46
N LEU A 285 16.52 11.89 -18.41
CA LEU A 285 17.87 11.78 -17.88
C LEU A 285 18.84 11.36 -18.98
N LEU A 286 18.54 10.23 -19.60
CA LEU A 286 19.44 9.62 -20.56
C LEU A 286 19.57 10.45 -21.85
N TRP A 287 18.45 10.86 -22.40
CA TRP A 287 18.51 11.49 -23.72
C TRP A 287 18.32 13.00 -23.73
N GLY A 288 18.00 13.57 -22.57
CA GLY A 288 17.75 14.99 -22.46
C GLY A 288 16.41 15.36 -23.11
N SER A 289 15.87 16.53 -22.80
CA SER A 289 14.70 17.01 -23.52
C SER A 289 15.11 17.13 -24.98
N GLN A 290 14.15 17.03 -25.88
CA GLN A 290 14.49 16.93 -27.29
C GLN A 290 14.89 15.48 -27.58
N GLY A 291 16.11 15.11 -27.17
CA GLY A 291 16.58 13.76 -27.34
C GLY A 291 15.63 12.66 -26.90
N ALA A 292 14.92 12.87 -25.79
CA ALA A 292 14.03 11.84 -25.28
C ALA A 292 12.83 11.57 -26.22
N SER A 293 12.61 12.46 -27.18
CA SER A 293 11.49 12.29 -28.10
C SER A 293 11.88 11.58 -29.41
N SER A 294 13.17 11.51 -29.70
CA SER A 294 13.63 10.76 -30.86
C SER A 294 13.07 9.35 -30.81
N SER A 295 13.23 8.64 -31.91
CA SER A 295 12.72 7.28 -32.00
C SER A 295 13.47 6.43 -31.00
N GLN A 296 12.89 5.28 -30.66
CA GLN A 296 13.54 4.34 -29.77
C GLN A 296 14.76 3.71 -30.41
N ALA A 297 14.65 3.36 -31.70
CA ALA A 297 15.77 2.75 -32.41
C ALA A 297 16.99 3.65 -32.34
N ARG A 298 16.79 4.92 -32.66
CA ARG A 298 17.86 5.91 -32.65
C ARG A 298 18.38 6.15 -31.23
N ARG A 299 17.48 6.34 -30.28
CA ARG A 299 17.89 6.55 -28.90
C ARG A 299 18.76 5.39 -28.44
N TYR A 300 18.34 4.18 -28.82
CA TYR A 300 19.02 2.96 -28.36
C TYR A 300 20.32 2.74 -29.10
N GLU A 301 20.31 2.96 -30.41
CA GLU A 301 21.53 2.88 -31.21
C GLU A 301 22.60 3.79 -30.62
N LYS A 302 22.24 5.04 -30.35
CA LYS A 302 23.23 6.01 -29.92
C LYS A 302 23.79 5.69 -28.54
N PHE A 303 22.97 5.09 -27.69
CA PHE A 303 23.45 4.80 -26.34
C PHE A 303 24.34 3.57 -26.31
N ASP A 304 24.12 2.67 -27.25
CA ASP A 304 24.90 1.44 -27.25
C ASP A 304 26.34 1.83 -27.46
N LYS A 305 26.54 2.88 -28.25
CA LYS A 305 27.88 3.38 -28.48
C LYS A 305 28.41 4.13 -27.25
N VAL A 306 27.54 4.86 -26.56
CA VAL A 306 27.94 5.66 -25.40
C VAL A 306 28.43 4.77 -24.28
N LEU A 307 27.72 3.68 -24.07
CA LEU A 307 28.13 2.65 -23.14
C LEU A 307 29.52 2.11 -23.49
N THR A 308 29.66 1.48 -24.65
CA THR A 308 30.92 0.82 -24.98
C THR A 308 32.11 1.75 -24.84
N ALA A 309 31.90 3.05 -25.05
CA ALA A 309 32.99 4.03 -24.86
C ALA A 309 33.35 4.22 -23.39
N LEU A 310 32.33 4.43 -22.56
CA LEU A 310 32.57 4.52 -21.13
C LEU A 310 33.31 3.28 -20.68
N SER A 311 32.82 2.12 -21.12
CA SER A 311 33.36 0.84 -20.73
C SER A 311 34.84 0.73 -21.07
N HIS A 312 35.23 1.35 -22.18
CA HIS A 312 36.60 1.25 -22.64
C HIS A 312 37.51 2.22 -21.95
N LYS A 313 36.96 3.38 -21.58
CA LYS A 313 37.70 4.39 -20.81
C LYS A 313 37.98 3.84 -19.43
N LEU A 314 36.98 3.17 -18.89
CA LEU A 314 37.10 2.58 -17.56
C LEU A 314 38.17 1.49 -17.57
N GLU A 315 37.90 0.41 -18.30
CA GLU A 315 38.87 -0.68 -18.45
C GLU A 315 39.23 -0.89 -19.92
N PRO A 316 40.27 -0.19 -20.41
CA PRO A 316 40.72 -0.25 -21.80
C PRO A 316 41.07 -1.67 -22.26
N ALA A 317 40.80 -1.95 -23.55
CA ALA A 317 41.01 -3.27 -24.15
C ALA A 317 42.43 -3.52 -24.69
N VAL A 318 42.95 -2.57 -25.47
CA VAL A 318 44.27 -2.65 -26.11
C VAL A 318 44.90 -4.04 -26.17
N SER B 96 -22.72 -5.14 -21.48
CA SER B 96 -22.99 -4.89 -22.89
C SER B 96 -22.28 -5.90 -23.81
N ASP B 97 -22.60 -7.19 -23.66
CA ASP B 97 -22.08 -8.26 -24.52
C ASP B 97 -22.01 -7.88 -26.01
N ARG B 98 -23.10 -7.31 -26.53
CA ARG B 98 -23.13 -6.93 -27.95
C ARG B 98 -22.02 -5.94 -28.29
N GLN B 99 -21.84 -4.93 -27.44
CA GLN B 99 -20.74 -3.98 -27.60
C GLN B 99 -19.43 -4.75 -27.75
N LEU B 100 -19.25 -5.72 -26.86
CA LEU B 100 -18.03 -6.50 -26.81
C LEU B 100 -17.87 -7.29 -28.10
N LEU B 101 -18.80 -8.21 -28.33
CA LEU B 101 -18.76 -9.06 -29.50
C LEU B 101 -18.43 -8.24 -30.74
N LEU B 102 -19.12 -7.12 -30.95
CA LEU B 102 -18.79 -6.33 -32.12
C LEU B 102 -17.34 -5.84 -32.09
N PHE B 103 -16.85 -5.46 -30.91
CA PHE B 103 -15.51 -4.91 -30.79
C PHE B 103 -14.49 -5.97 -31.14
N TYR B 104 -14.58 -7.12 -30.49
CA TYR B 104 -13.65 -8.20 -30.74
C TYR B 104 -13.83 -8.87 -32.09
N LEU B 105 -15.07 -8.98 -32.56
CA LEU B 105 -15.31 -9.54 -33.89
C LEU B 105 -14.53 -8.68 -34.89
N GLU B 106 -14.57 -7.38 -34.67
CA GLU B 106 -13.82 -6.42 -35.46
C GLU B 106 -12.28 -6.62 -35.27
N GLN B 107 -11.85 -6.88 -34.04
CA GLN B 107 -10.45 -7.17 -33.76
C GLN B 107 -10.03 -8.45 -34.48
N CYS B 108 -10.75 -9.54 -34.24
CA CYS B 108 -10.51 -10.78 -34.95
C CYS B 108 -10.31 -10.48 -36.42
N GLU B 109 -11.24 -9.73 -36.97
CA GLU B 109 -11.25 -9.50 -38.42
C GLU B 109 -10.02 -8.76 -38.94
N ALA B 110 -9.46 -7.87 -38.15
CA ALA B 110 -8.28 -7.16 -38.60
C ALA B 110 -7.09 -8.13 -38.75
N ASN B 111 -7.03 -9.11 -37.85
CA ASN B 111 -5.91 -10.05 -37.86
C ASN B 111 -6.10 -11.25 -38.75
N LEU B 112 -7.32 -11.45 -39.24
CA LEU B 112 -7.60 -12.58 -40.10
C LEU B 112 -6.91 -12.47 -41.45
N THR B 113 -6.66 -11.25 -41.89
CA THR B 113 -5.85 -11.07 -43.10
C THR B 113 -4.44 -11.65 -42.94
N THR B 114 -3.73 -11.24 -41.89
CA THR B 114 -2.38 -11.74 -41.71
C THR B 114 -2.34 -13.25 -41.58
N LEU B 115 -3.36 -13.81 -40.92
CA LEU B 115 -3.42 -15.27 -40.73
C LEU B 115 -3.60 -15.96 -42.08
N THR B 116 -4.47 -15.38 -42.90
CA THR B 116 -4.77 -15.93 -44.20
C THR B 116 -3.50 -15.88 -45.03
N ASN B 117 -2.71 -14.84 -44.83
CA ASN B 117 -1.44 -14.74 -45.54
C ASN B 117 -0.41 -15.73 -45.07
N ALA B 118 -0.32 -15.89 -43.76
CA ALA B 118 0.62 -16.83 -43.17
C ALA B 118 0.32 -18.23 -43.67
N VAL B 119 -0.95 -18.62 -43.57
CA VAL B 119 -1.40 -19.92 -44.04
C VAL B 119 -1.11 -20.07 -45.55
N ASP B 120 -1.35 -19.01 -46.33
CA ASP B 120 -1.05 -19.10 -47.74
C ASP B 120 0.43 -19.42 -47.99
N ALA B 121 1.29 -18.69 -47.29
CA ALA B 121 2.72 -18.84 -47.40
C ALA B 121 3.14 -20.26 -46.98
N PHE B 122 2.56 -20.73 -45.88
CA PHE B 122 2.75 -22.11 -45.46
C PHE B 122 2.48 -23.12 -46.59
N PHE B 123 1.33 -22.99 -47.25
CA PHE B 123 0.93 -23.96 -48.23
C PHE B 123 1.86 -23.96 -49.46
N THR B 124 2.35 -22.78 -49.84
CA THR B 124 3.26 -22.71 -50.97
C THR B 124 4.59 -23.42 -50.63
N ALA B 125 5.16 -23.08 -49.48
CA ALA B 125 6.39 -23.75 -49.05
C ALA B 125 6.20 -25.25 -49.08
N VAL B 126 5.09 -25.73 -48.54
CA VAL B 126 4.88 -27.16 -48.58
C VAL B 126 4.78 -27.66 -50.03
N ALA B 127 4.12 -26.90 -50.89
CA ALA B 127 3.88 -27.38 -52.26
C ALA B 127 5.14 -27.37 -53.08
N THR B 128 6.09 -26.52 -52.73
CA THR B 128 7.31 -26.43 -53.50
C THR B 128 8.37 -27.27 -52.82
N ASN B 129 7.94 -28.06 -51.83
CA ASN B 129 8.80 -29.06 -51.21
C ASN B 129 9.92 -28.48 -50.35
N GLN B 130 9.76 -27.25 -49.86
CA GLN B 130 10.77 -26.64 -48.98
C GLN B 130 11.12 -27.51 -47.78
N PRO B 131 12.37 -27.38 -47.30
CA PRO B 131 12.88 -28.15 -46.15
C PRO B 131 12.36 -27.60 -44.84
N PRO B 132 12.47 -28.39 -43.74
CA PRO B 132 11.97 -27.98 -42.43
C PRO B 132 12.47 -26.61 -41.98
N LYS B 133 13.71 -26.27 -42.29
CA LYS B 133 14.23 -24.95 -42.00
C LYS B 133 13.20 -23.88 -42.37
N ILE B 134 12.53 -24.11 -43.49
CA ILE B 134 11.57 -23.15 -44.06
C ILE B 134 10.16 -23.32 -43.53
N PHE B 135 9.55 -24.46 -43.83
CA PHE B 135 8.15 -24.62 -43.48
C PHE B 135 7.92 -24.62 -41.96
N VAL B 136 8.94 -24.97 -41.19
CA VAL B 136 8.78 -24.89 -39.74
C VAL B 136 8.65 -23.43 -39.33
N ALA B 137 9.47 -22.58 -39.93
CA ALA B 137 9.34 -21.13 -39.75
C ALA B 137 7.91 -20.69 -40.04
N HIS B 138 7.39 -21.09 -41.19
CA HIS B 138 6.06 -20.68 -41.61
C HIS B 138 5.00 -21.19 -40.63
N SER B 139 5.17 -22.42 -40.15
CA SER B 139 4.32 -22.92 -39.07
C SER B 139 4.26 -21.96 -37.89
N LYS B 140 5.43 -21.50 -37.44
CA LYS B 140 5.46 -20.61 -36.28
C LYS B 140 4.60 -19.39 -36.54
N PHE B 141 4.79 -18.78 -37.71
CA PHE B 141 3.98 -17.63 -38.08
C PHE B 141 2.47 -17.96 -38.07
N VAL B 142 2.09 -19.13 -38.61
CA VAL B 142 0.69 -19.53 -38.63
C VAL B 142 0.13 -19.72 -37.21
N ILE B 143 0.92 -20.31 -36.33
CA ILE B 143 0.51 -20.58 -34.95
C ILE B 143 0.40 -19.28 -34.16
N LEU B 144 1.31 -18.36 -34.46
CA LEU B 144 1.32 -17.06 -33.81
C LEU B 144 0.01 -16.30 -34.10
N SER B 145 -0.28 -16.10 -35.39
CA SER B 145 -1.43 -15.28 -35.81
C SER B 145 -2.72 -15.86 -35.26
N ALA B 146 -2.80 -17.18 -35.27
CA ALA B 146 -4.03 -17.85 -34.91
C ALA B 146 -4.21 -17.80 -33.43
N HIS B 147 -3.10 -17.78 -32.68
CA HIS B 147 -3.19 -17.68 -31.21
C HIS B 147 -3.78 -16.34 -30.76
N LYS B 148 -3.60 -15.29 -31.56
CA LYS B 148 -4.26 -14.02 -31.30
C LYS B 148 -5.74 -14.24 -31.09
N LEU B 149 -6.32 -15.23 -31.76
CA LEU B 149 -7.76 -15.48 -31.67
C LEU B 149 -8.08 -16.20 -30.40
N VAL B 150 -7.18 -17.11 -30.00
CA VAL B 150 -7.43 -17.81 -28.74
C VAL B 150 -7.53 -16.81 -27.57
N PHE B 151 -6.72 -15.74 -27.62
CA PHE B 151 -6.65 -14.75 -26.56
C PHE B 151 -7.93 -13.94 -26.53
N ILE B 152 -8.34 -13.50 -27.71
CA ILE B 152 -9.59 -12.79 -27.88
C ILE B 152 -10.74 -13.62 -27.31
N GLY B 153 -10.78 -14.90 -27.65
CA GLY B 153 -11.83 -15.77 -27.16
C GLY B 153 -11.84 -15.90 -25.66
N ASP B 154 -10.65 -15.85 -25.06
CA ASP B 154 -10.48 -15.98 -23.62
C ASP B 154 -11.01 -14.74 -22.89
N THR B 155 -10.59 -13.57 -23.35
CA THR B 155 -11.19 -12.34 -22.90
C THR B 155 -12.73 -12.40 -22.97
N LEU B 156 -13.27 -12.77 -24.12
CA LEU B 156 -14.73 -12.86 -24.22
C LEU B 156 -15.27 -13.88 -23.23
N SER B 157 -14.48 -14.90 -22.91
CA SER B 157 -14.96 -15.90 -21.96
C SER B 157 -14.99 -15.30 -20.54
N ARG B 158 -14.22 -14.23 -20.34
CA ARG B 158 -14.14 -13.59 -19.02
C ARG B 158 -15.16 -12.46 -18.81
N GLN B 159 -15.20 -11.50 -19.74
CA GLN B 159 -16.15 -10.43 -19.68
C GLN B 159 -17.57 -10.95 -19.79
N ALA B 160 -17.98 -11.23 -21.02
CA ALA B 160 -19.34 -11.71 -21.35
C ALA B 160 -20.25 -12.01 -20.15
N LYS B 161 -21.42 -11.41 -20.14
CA LYS B 161 -22.36 -11.59 -19.02
C LYS B 161 -23.31 -12.74 -19.32
N ALA B 162 -23.69 -12.87 -20.58
CA ALA B 162 -24.54 -13.99 -20.99
C ALA B 162 -23.78 -15.31 -20.88
N ALA B 163 -24.40 -16.31 -20.27
CA ALA B 163 -23.71 -17.59 -20.10
C ALA B 163 -23.66 -18.42 -21.41
N ASP B 164 -24.60 -18.18 -22.31
CA ASP B 164 -24.58 -18.86 -23.59
C ASP B 164 -23.32 -18.38 -24.31
N VAL B 165 -23.00 -17.09 -24.17
CA VAL B 165 -21.85 -16.52 -24.88
C VAL B 165 -20.53 -16.94 -24.24
N ARG B 166 -20.55 -17.23 -22.95
CA ARG B 166 -19.33 -17.73 -22.35
C ARG B 166 -19.10 -19.18 -22.78
N SER B 167 -20.18 -19.95 -22.93
CA SER B 167 -20.03 -21.35 -23.31
C SER B 167 -19.49 -21.48 -24.73
N GLN B 168 -20.05 -20.69 -25.64
CA GLN B 168 -19.57 -20.68 -27.01
C GLN B 168 -18.09 -20.35 -27.17
N VAL B 169 -17.63 -19.26 -26.54
CA VAL B 169 -16.27 -18.77 -26.81
C VAL B 169 -15.18 -19.52 -26.07
N THR B 170 -15.56 -20.19 -25.00
CA THR B 170 -14.64 -21.04 -24.26
C THR B 170 -14.35 -22.27 -25.12
N HIS B 171 -15.42 -22.82 -25.67
CA HIS B 171 -15.32 -23.96 -26.56
C HIS B 171 -14.38 -23.67 -27.72
N TYR B 172 -14.67 -22.63 -28.48
CA TYR B 172 -13.83 -22.30 -29.63
C TYR B 172 -12.39 -21.98 -29.29
N SER B 173 -12.15 -21.29 -28.19
CA SER B 173 -10.79 -21.01 -27.76
C SER B 173 -10.05 -22.29 -27.40
N ASN B 174 -10.67 -23.14 -26.60
CA ASN B 174 -10.07 -24.42 -26.25
C ASN B 174 -9.75 -25.25 -27.48
N LEU B 175 -10.71 -25.28 -28.41
CA LEU B 175 -10.62 -26.10 -29.61
C LEU B 175 -9.51 -25.60 -30.55
N LEU B 176 -9.39 -24.29 -30.70
CA LEU B 176 -8.24 -23.73 -31.42
C LEU B 176 -6.91 -24.13 -30.79
N CYS B 177 -6.82 -24.14 -29.47
CA CYS B 177 -5.49 -24.39 -28.91
C CYS B 177 -5.07 -25.84 -29.21
N ASP B 178 -6.04 -26.75 -29.13
CA ASP B 178 -5.82 -28.14 -29.52
C ASP B 178 -5.30 -28.30 -30.95
N LEU B 179 -5.88 -27.52 -31.87
CA LEU B 179 -5.46 -27.54 -33.26
C LEU B 179 -4.03 -27.00 -33.36
N LEU B 180 -3.74 -26.02 -32.53
CA LEU B 180 -2.43 -25.39 -32.62
C LEU B 180 -1.37 -26.37 -32.10
N ARG B 181 -1.72 -27.14 -31.08
CA ARG B 181 -0.89 -28.24 -30.68
C ARG B 181 -0.74 -29.29 -31.80
N GLY B 182 -1.83 -29.68 -32.43
CA GLY B 182 -1.80 -30.60 -33.54
C GLY B 182 -0.82 -30.09 -34.61
N ILE B 183 -0.90 -28.80 -34.88
CA ILE B 183 -0.02 -28.22 -35.87
C ILE B 183 1.44 -28.39 -35.46
N VAL B 184 1.77 -28.06 -34.21
CA VAL B 184 3.13 -28.25 -33.71
C VAL B 184 3.53 -29.73 -33.77
N ALA B 185 2.68 -30.64 -33.31
CA ALA B 185 3.06 -32.04 -33.37
C ALA B 185 3.36 -32.49 -34.81
N THR B 186 2.34 -32.50 -35.67
CA THR B 186 2.47 -32.89 -37.09
C THR B 186 3.57 -32.12 -37.83
N THR B 187 3.90 -30.91 -37.37
CA THR B 187 4.98 -30.20 -38.01
C THR B 187 6.31 -30.86 -37.62
N LYS B 188 6.47 -31.11 -36.33
CA LYS B 188 7.58 -31.88 -35.82
C LYS B 188 7.74 -33.16 -36.63
N ALA B 189 6.65 -33.89 -36.80
CA ALA B 189 6.74 -35.17 -37.46
C ALA B 189 7.18 -35.00 -38.91
N ALA B 190 6.71 -33.95 -39.55
CA ALA B 190 7.10 -33.64 -40.93
C ALA B 190 8.60 -33.47 -41.07
N ALA B 191 9.20 -32.77 -40.12
CA ALA B 191 10.61 -32.41 -40.14
C ALA B 191 11.41 -33.68 -39.90
N LEU B 192 11.02 -34.40 -38.86
CA LEU B 192 11.72 -35.58 -38.42
C LEU B 192 11.82 -36.63 -39.51
N GLN B 193 10.78 -36.68 -40.34
CA GLN B 193 10.66 -37.68 -41.37
C GLN B 193 10.93 -37.09 -42.76
N TYR B 194 11.30 -35.83 -42.79
CA TYR B 194 11.56 -35.18 -44.05
C TYR B 194 12.60 -35.93 -44.87
N PRO B 195 12.33 -36.13 -46.18
CA PRO B 195 11.10 -35.70 -46.85
C PRO B 195 10.07 -36.81 -46.82
N SER B 196 8.85 -36.47 -46.41
CA SER B 196 7.77 -37.43 -46.33
C SER B 196 6.47 -36.78 -46.79
N PRO B 197 6.08 -37.02 -48.06
CA PRO B 197 4.84 -36.44 -48.61
C PRO B 197 3.65 -36.67 -47.69
N SER B 198 3.55 -37.88 -47.13
CA SER B 198 2.41 -38.19 -46.26
C SER B 198 2.48 -37.45 -44.91
N ALA B 199 3.67 -37.35 -44.30
CA ALA B 199 3.74 -36.63 -43.03
C ALA B 199 3.40 -35.15 -43.24
N ALA B 200 3.80 -34.62 -44.39
CA ALA B 200 3.48 -33.26 -44.75
C ALA B 200 1.97 -33.08 -44.86
N GLN B 201 1.28 -34.04 -45.47
CA GLN B 201 -0.18 -33.95 -45.61
C GLN B 201 -0.91 -33.87 -44.26
N ASP B 202 -0.45 -34.65 -43.28
CA ASP B 202 -1.02 -34.60 -41.94
C ASP B 202 -0.90 -33.18 -41.39
N MET B 203 0.29 -32.62 -41.53
CA MET B 203 0.55 -31.25 -41.15
C MET B 203 -0.41 -30.30 -41.90
N VAL B 204 -0.60 -30.56 -43.19
CA VAL B 204 -1.43 -29.70 -44.02
C VAL B 204 -2.90 -29.81 -43.61
N GLU B 205 -3.34 -31.01 -43.28
CA GLU B 205 -4.73 -31.18 -42.89
C GLU B 205 -5.01 -30.41 -41.61
N ARG B 206 -4.06 -30.40 -40.69
CA ARG B 206 -4.23 -29.71 -39.42
C ARG B 206 -4.32 -28.21 -39.58
N VAL B 207 -3.52 -27.65 -40.49
CA VAL B 207 -3.61 -26.24 -40.80
C VAL B 207 -4.95 -25.97 -41.47
N LYS B 208 -5.33 -26.87 -42.37
CA LYS B 208 -6.60 -26.76 -43.10
C LYS B 208 -7.77 -26.72 -42.13
N GLU B 209 -7.74 -27.52 -41.07
CA GLU B 209 -8.84 -27.50 -40.12
C GLU B 209 -8.80 -26.19 -39.33
N LEU B 210 -7.58 -25.68 -39.09
CA LEU B 210 -7.38 -24.43 -38.35
C LEU B 210 -8.13 -23.32 -39.09
N GLY B 211 -7.94 -23.26 -40.40
CA GLY B 211 -8.64 -22.28 -41.20
C GLY B 211 -10.15 -22.42 -41.05
N HIS B 212 -10.63 -23.65 -41.13
CA HIS B 212 -12.04 -23.92 -40.92
C HIS B 212 -12.58 -23.44 -39.54
N SER B 213 -11.79 -23.58 -38.48
CA SER B 213 -12.32 -23.37 -37.12
C SER B 213 -12.34 -21.88 -36.77
N THR B 214 -11.27 -21.20 -37.13
CA THR B 214 -11.21 -19.75 -37.06
C THR B 214 -12.32 -19.10 -37.89
N GLN B 215 -12.59 -19.66 -39.07
CA GLN B 215 -13.72 -19.20 -39.86
C GLN B 215 -14.99 -19.38 -39.04
N GLN B 216 -15.33 -20.62 -38.72
CA GLN B 216 -16.54 -20.87 -37.93
C GLN B 216 -16.57 -20.06 -36.65
N PHE B 217 -15.41 -19.71 -36.10
CA PHE B 217 -15.37 -18.95 -34.86
C PHE B 217 -15.82 -17.50 -35.12
N ARG B 218 -15.16 -16.83 -36.05
CA ARG B 218 -15.60 -15.52 -36.49
C ARG B 218 -17.10 -15.52 -36.79
N ARG B 219 -17.59 -16.61 -37.36
CA ARG B 219 -18.98 -16.67 -37.81
C ARG B 219 -19.90 -16.71 -36.61
N VAL B 220 -19.53 -17.50 -35.62
CA VAL B 220 -20.32 -17.63 -34.40
C VAL B 220 -20.28 -16.36 -33.55
N LEU B 221 -19.19 -15.62 -33.65
CA LEU B 221 -19.06 -14.34 -32.95
C LEU B 221 -20.10 -13.42 -33.53
N GLY B 222 -20.25 -13.48 -34.85
CA GLY B 222 -21.16 -12.62 -35.56
C GLY B 222 -22.61 -12.99 -35.31
N GLN B 223 -22.87 -14.29 -35.25
CA GLN B 223 -24.22 -14.78 -35.06
C GLN B 223 -24.73 -14.47 -33.66
N LEU B 224 -23.83 -14.46 -32.68
CA LEU B 224 -24.17 -14.04 -31.33
C LEU B 224 -24.56 -12.56 -31.32
N ALA B 225 -23.56 -11.70 -31.51
CA ALA B 225 -23.77 -10.26 -31.56
C ALA B 225 -25.04 -9.85 -32.34
N ALA B 226 -25.55 -10.72 -33.18
CA ALA B 226 -26.76 -10.40 -33.93
C ALA B 226 -28.01 -10.88 -33.19
N ALA B 227 -27.86 -11.97 -32.45
CA ALA B 227 -28.94 -12.46 -31.59
C ALA B 227 -29.27 -11.42 -30.53
N LEU B 228 -28.42 -10.40 -30.42
CA LEU B 228 -28.56 -9.38 -29.38
C LEU B 228 -29.08 -8.07 -29.91
N GLU B 229 -30.39 -7.90 -29.81
CA GLU B 229 -31.03 -6.69 -30.29
C GLU B 229 -32.13 -6.31 -29.31
N PRO C 32 5.62 -15.72 31.31
CA PRO C 32 5.71 -15.42 29.88
C PRO C 32 5.99 -16.68 29.06
N LEU C 33 5.52 -16.71 27.81
CA LEU C 33 5.73 -17.85 26.92
C LEU C 33 4.96 -19.07 27.43
N GLU C 34 3.88 -18.81 28.15
CA GLU C 34 3.05 -19.87 28.74
C GLU C 34 2.07 -20.46 27.74
N VAL C 35 2.51 -21.50 27.03
CA VAL C 35 1.70 -22.13 25.99
C VAL C 35 0.39 -22.69 26.53
N GLY C 36 0.46 -23.39 27.65
CA GLY C 36 -0.72 -24.01 28.24
C GLY C 36 -1.79 -23.00 28.60
N LEU C 37 -1.37 -21.75 28.75
CA LEU C 37 -2.29 -20.68 29.10
C LEU C 37 -2.87 -20.06 27.84
N LEU C 38 -2.02 -19.90 26.83
CA LEU C 38 -2.45 -19.35 25.54
C LEU C 38 -3.53 -20.19 24.88
N ARG C 39 -3.24 -21.48 24.74
CA ARG C 39 -4.20 -22.41 24.15
C ARG C 39 -5.58 -22.17 24.74
N LYS C 40 -5.68 -22.30 26.06
CA LYS C 40 -6.94 -22.11 26.76
C LYS C 40 -7.57 -20.74 26.46
N VAL C 41 -6.75 -19.76 26.13
CA VAL C 41 -7.25 -18.44 25.81
C VAL C 41 -7.68 -18.38 24.35
N LYS C 42 -6.82 -18.84 23.46
CA LYS C 42 -7.13 -18.90 22.05
C LYS C 42 -8.51 -19.53 21.85
N GLU C 43 -8.89 -20.39 22.79
CA GLU C 43 -10.16 -21.10 22.71
C GLU C 43 -11.31 -20.25 23.21
N LEU C 44 -11.09 -19.54 24.31
CA LEU C 44 -12.12 -18.72 24.92
C LEU C 44 -12.64 -17.67 23.95
N LEU C 45 -11.74 -17.15 23.11
CA LEU C 45 -12.12 -16.17 22.11
C LEU C 45 -12.75 -16.86 20.91
N ALA C 46 -12.18 -18.00 20.55
CA ALA C 46 -12.74 -18.84 19.50
C ALA C 46 -13.97 -19.54 20.04
N GLU C 47 -14.53 -19.00 21.12
CA GLU C 47 -15.67 -19.61 21.78
C GLU C 47 -16.97 -18.85 21.47
N VAL C 48 -16.87 -17.77 20.71
CA VAL C 48 -18.05 -16.95 20.44
C VAL C 48 -17.91 -16.04 19.21
N ASP C 49 -18.89 -15.17 19.03
CA ASP C 49 -18.95 -14.29 17.87
C ASP C 49 -18.55 -12.86 18.24
N ALA C 50 -18.12 -12.11 17.23
CA ALA C 50 -17.63 -10.75 17.43
C ALA C 50 -18.65 -9.87 18.15
N ARG C 51 -19.91 -9.97 17.74
CA ARG C 51 -20.97 -9.21 18.36
C ARG C 51 -20.86 -9.32 19.88
N THR C 52 -20.95 -10.56 20.37
CA THR C 52 -20.91 -10.81 21.79
C THR C 52 -19.58 -10.40 22.42
N LEU C 53 -18.57 -10.14 21.58
CA LEU C 53 -17.28 -9.69 22.08
C LEU C 53 -17.25 -8.17 22.25
N ALA C 54 -17.67 -7.45 21.22
CA ALA C 54 -17.74 -6.01 21.30
C ALA C 54 -18.65 -5.61 22.44
N ARG C 55 -19.47 -6.55 22.90
CA ARG C 55 -20.31 -6.30 24.06
C ARG C 55 -19.50 -6.50 25.33
N HIS C 56 -18.70 -7.55 25.36
CA HIS C 56 -17.82 -7.83 26.50
C HIS C 56 -16.82 -6.69 26.76
N VAL C 57 -16.11 -6.26 25.73
CA VAL C 57 -15.09 -5.24 25.88
C VAL C 57 -15.67 -3.85 26.08
N THR C 58 -16.77 -3.56 25.39
CA THR C 58 -17.42 -2.28 25.54
C THR C 58 -17.95 -2.10 26.96
N LYS C 59 -17.97 -3.18 27.73
CA LYS C 59 -18.44 -3.13 29.11
C LYS C 59 -17.33 -2.73 30.06
N VAL C 60 -16.23 -3.47 30.02
CA VAL C 60 -15.11 -3.17 30.90
C VAL C 60 -14.51 -1.84 30.45
N ASP C 61 -14.90 -1.39 29.27
CA ASP C 61 -14.46 -0.10 28.75
C ASP C 61 -15.14 1.06 29.48
N CYS C 62 -16.46 0.95 29.66
CA CYS C 62 -17.24 2.02 30.25
C CYS C 62 -17.18 1.99 31.77
N LEU C 63 -16.83 0.83 32.30
CA LEU C 63 -16.49 0.75 33.71
C LEU C 63 -15.14 1.41 33.91
N VAL C 64 -14.13 0.93 33.17
CA VAL C 64 -12.77 1.43 33.26
C VAL C 64 -12.62 2.92 32.91
N ALA C 65 -13.53 3.43 32.07
CA ALA C 65 -13.50 4.83 31.68
C ALA C 65 -14.54 5.62 32.45
N ARG C 66 -15.20 4.95 33.39
CA ARG C 66 -16.21 5.59 34.21
C ARG C 66 -17.28 6.26 33.36
N ILE C 67 -17.89 5.46 32.49
CA ILE C 67 -19.09 5.88 31.78
C ILE C 67 -20.24 5.05 32.30
N LEU C 68 -19.90 3.91 32.91
CA LEU C 68 -20.88 3.05 33.58
C LEU C 68 -20.43 2.75 35.01
N GLY C 69 -21.38 2.40 35.86
CA GLY C 69 -21.08 2.07 37.25
C GLY C 69 -20.67 3.28 38.05
N VAL C 70 -21.35 4.40 37.80
CA VAL C 70 -21.08 5.64 38.51
C VAL C 70 -21.69 5.64 39.93
N THR C 71 -20.83 5.47 40.92
CA THR C 71 -21.27 5.42 42.31
C THR C 71 -21.15 6.80 42.98
N LYS C 72 -22.14 7.16 43.80
CA LYS C 72 -22.14 8.44 44.50
C LYS C 72 -20.79 8.75 45.14
N GLU C 73 -20.22 7.76 45.82
CA GLU C 73 -18.92 7.92 46.45
C GLU C 73 -17.90 8.25 45.37
N MET C 74 -17.85 7.40 44.35
CA MET C 74 -16.89 7.55 43.26
C MET C 74 -17.20 8.81 42.44
N GLN C 75 -18.34 9.45 42.74
CA GLN C 75 -18.71 10.69 42.05
C GLN C 75 -18.33 11.93 42.85
N THR C 76 -18.30 11.80 44.18
CA THR C 76 -17.80 12.86 45.04
C THR C 76 -16.28 12.94 44.94
N LEU C 77 -15.67 11.78 44.73
CA LEU C 77 -14.22 11.67 44.58
C LEU C 77 -13.75 12.48 43.38
N MET C 78 -14.39 12.26 42.23
CA MET C 78 -14.07 13.02 41.03
C MET C 78 -14.64 14.42 41.14
N GLY C 79 -15.81 14.53 41.75
CA GLY C 79 -16.53 15.80 41.80
C GLY C 79 -17.03 16.16 40.41
N VAL C 80 -17.34 15.14 39.62
CA VAL C 80 -17.82 15.29 38.24
C VAL C 80 -18.87 14.24 37.91
N ARG C 81 -19.67 14.51 36.87
CA ARG C 81 -20.73 13.59 36.45
C ARG C 81 -20.21 12.31 35.79
N TRP C 82 -19.21 12.43 34.91
CA TRP C 82 -18.72 11.27 34.18
C TRP C 82 -17.22 11.31 33.88
N GLY C 83 -16.54 10.18 34.02
CA GLY C 83 -15.11 10.10 33.81
C GLY C 83 -14.69 10.72 32.48
N MET C 84 -15.63 10.76 31.55
CA MET C 84 -15.41 11.39 30.26
C MET C 84 -15.11 12.87 30.41
N GLU C 85 -15.53 13.45 31.53
CA GLU C 85 -15.25 14.84 31.85
C GLU C 85 -14.00 14.91 32.72
N LEU C 86 -13.72 13.81 33.39
CA LEU C 86 -12.59 13.68 34.30
C LEU C 86 -11.28 13.77 33.55
N LEU C 87 -11.18 13.05 32.43
CA LEU C 87 -9.95 13.01 31.66
C LEU C 87 -9.71 14.31 30.88
N THR C 88 -10.71 15.19 30.88
CA THR C 88 -10.56 16.56 30.39
C THR C 88 -9.87 17.41 31.46
N LEU C 89 -9.91 16.94 32.71
CA LEU C 89 -9.37 17.69 33.83
C LEU C 89 -7.98 17.22 34.26
N PRO C 90 -7.18 18.15 34.80
CA PRO C 90 -5.82 17.85 35.24
C PRO C 90 -5.75 16.71 36.26
N HIS C 91 -6.78 16.55 37.08
CA HIS C 91 -6.74 15.52 38.12
C HIS C 91 -7.28 14.18 37.62
N GLY C 92 -7.83 14.18 36.41
CA GLY C 92 -8.25 12.94 35.78
C GLY C 92 -7.14 12.29 34.98
N ARG C 93 -5.90 12.56 35.39
CA ARG C 93 -4.71 11.99 34.77
C ARG C 93 -4.62 10.48 34.94
N GLN C 94 -4.63 10.03 36.18
CA GLN C 94 -4.45 8.60 36.47
C GLN C 94 -5.38 7.75 35.61
N LEU C 95 -6.61 8.21 35.41
CA LEU C 95 -7.54 7.51 34.53
C LEU C 95 -6.90 7.39 33.15
N ARG C 96 -6.47 8.52 32.59
CA ARG C 96 -5.84 8.55 31.27
C ARG C 96 -4.75 7.48 31.08
N LEU C 97 -3.72 7.53 31.92
CA LEU C 97 -2.68 6.49 31.90
C LEU C 97 -3.31 5.11 31.77
N ASP C 98 -4.29 4.82 32.61
CA ASP C 98 -4.92 3.51 32.62
C ASP C 98 -5.57 3.26 31.26
N LEU C 99 -6.38 4.20 30.78
CA LEU C 99 -7.04 4.05 29.49
C LEU C 99 -6.01 3.79 28.39
N LEU C 100 -4.86 4.44 28.52
CA LEU C 100 -3.75 4.21 27.60
C LEU C 100 -3.22 2.80 27.78
N GLU C 101 -2.73 2.52 28.99
CA GLU C 101 -2.23 1.19 29.31
C GLU C 101 -3.15 0.11 28.75
N ARG C 102 -4.44 0.27 28.98
CA ARG C 102 -5.45 -0.69 28.56
C ARG C 102 -5.58 -0.68 27.05
N PHE C 103 -5.53 0.51 26.48
CA PHE C 103 -5.67 0.70 25.05
C PHE C 103 -4.56 -0.05 24.30
N HIS C 104 -3.32 0.34 24.55
CA HIS C 104 -2.19 -0.23 23.84
C HIS C 104 -2.02 -1.70 24.19
N THR C 105 -2.22 -2.01 25.46
CA THR C 105 -2.15 -3.40 25.89
C THR C 105 -3.25 -4.19 25.19
N MET C 106 -4.32 -3.50 24.79
CA MET C 106 -5.43 -4.15 24.09
C MET C 106 -4.98 -4.59 22.71
N SER C 107 -4.33 -3.70 21.98
CA SER C 107 -3.77 -4.02 20.67
C SER C 107 -2.87 -5.25 20.77
N ILE C 108 -1.81 -5.11 21.56
CA ILE C 108 -0.85 -6.17 21.82
C ILE C 108 -1.55 -7.48 22.12
N MET C 109 -2.55 -7.43 23.00
CA MET C 109 -3.32 -8.60 23.35
C MET C 109 -3.75 -9.37 22.10
N LEU C 110 -4.72 -8.83 21.39
CA LEU C 110 -5.31 -9.52 20.25
C LEU C 110 -4.25 -10.02 19.26
N ALA C 111 -3.24 -9.20 19.01
CA ALA C 111 -2.21 -9.55 18.04
C ALA C 111 -1.59 -10.91 18.36
N VAL C 112 -1.29 -11.13 19.63
CA VAL C 112 -0.63 -12.37 20.04
C VAL C 112 -1.51 -13.58 19.79
N ASP C 113 -2.84 -13.39 19.89
CA ASP C 113 -3.76 -14.49 19.63
C ASP C 113 -3.72 -14.87 18.16
N ILE C 114 -3.52 -13.87 17.31
CA ILE C 114 -3.42 -14.11 15.87
C ILE C 114 -2.11 -14.82 15.57
N LEU C 115 -1.01 -14.17 15.89
CA LEU C 115 0.32 -14.75 15.71
C LEU C 115 0.43 -16.06 16.48
N GLY C 116 -0.55 -16.33 17.33
CA GLY C 116 -0.60 -17.55 18.10
C GLY C 116 -1.22 -18.70 17.32
N SER C 117 -2.10 -18.36 16.38
CA SER C 117 -2.67 -19.37 15.50
C SER C 117 -1.58 -19.95 14.63
N THR C 118 -1.65 -21.25 14.38
CA THR C 118 -0.58 -21.92 13.64
C THR C 118 -1.11 -23.03 12.74
N GLY C 119 -2.40 -23.31 12.85
CA GLY C 119 -3.04 -24.33 12.03
C GLY C 119 -2.68 -24.18 10.57
N SER C 120 -3.30 -23.21 9.91
CA SER C 120 -3.02 -22.95 8.51
C SER C 120 -3.31 -21.49 8.21
N ALA C 121 -2.95 -21.06 7.01
CA ALA C 121 -3.25 -19.69 6.60
C ALA C 121 -4.77 -19.48 6.60
N GLU C 122 -5.51 -20.50 6.18
CA GLU C 122 -6.97 -20.40 6.13
C GLU C 122 -7.52 -20.08 7.50
N GLU C 123 -6.84 -20.57 8.53
CA GLU C 123 -7.26 -20.34 9.90
C GLU C 123 -6.97 -18.92 10.35
N ARG C 124 -5.70 -18.52 10.30
CA ARG C 124 -5.33 -17.17 10.67
C ARG C 124 -6.17 -16.18 9.88
N ALA C 125 -6.63 -16.60 8.71
CA ALA C 125 -7.54 -15.77 7.92
C ALA C 125 -8.88 -15.62 8.63
N ALA C 126 -9.58 -16.74 8.84
CA ALA C 126 -10.86 -16.72 9.53
C ALA C 126 -10.74 -15.92 10.82
N LEU C 127 -9.73 -16.25 11.63
CA LEU C 127 -9.42 -15.50 12.84
C LEU C 127 -9.25 -14.01 12.48
N LEU C 128 -8.31 -13.73 11.58
CA LEU C 128 -8.08 -12.36 11.13
C LEU C 128 -9.39 -11.68 10.77
N HIS C 129 -10.20 -12.36 9.99
CA HIS C 129 -11.48 -11.82 9.56
C HIS C 129 -12.40 -11.61 10.77
N LYS C 130 -12.41 -12.58 11.68
CA LYS C 130 -13.16 -12.43 12.91
C LYS C 130 -12.74 -11.13 13.60
N THR C 131 -11.45 -10.84 13.57
CA THR C 131 -10.94 -9.64 14.22
C THR C 131 -11.44 -8.38 13.51
N ILE C 132 -11.54 -8.45 12.20
CA ILE C 132 -12.04 -7.32 11.42
C ILE C 132 -13.52 -7.02 11.70
N GLN C 133 -14.31 -8.07 11.90
CA GLN C 133 -15.74 -7.90 12.22
C GLN C 133 -15.87 -7.28 13.60
N LEU C 134 -14.99 -7.70 14.49
CA LEU C 134 -14.95 -7.18 15.85
C LEU C 134 -14.75 -5.67 15.85
N ALA C 135 -13.80 -5.21 15.05
CA ALA C 135 -13.61 -3.78 14.86
C ALA C 135 -14.92 -3.16 14.39
N ALA C 136 -15.56 -3.84 13.44
CA ALA C 136 -16.79 -3.33 12.84
C ALA C 136 -17.94 -3.24 13.83
N GLU C 137 -18.17 -4.30 14.59
CA GLU C 137 -19.21 -4.30 15.59
C GLU C 137 -19.03 -3.13 16.55
N LEU C 138 -17.81 -2.93 17.00
CA LEU C 138 -17.50 -1.84 17.94
C LEU C 138 -17.86 -0.47 17.39
N ARG C 139 -17.50 -0.20 16.13
CA ARG C 139 -17.72 1.14 15.60
C ARG C 139 -19.18 1.36 15.21
N GLY C 140 -19.79 0.35 14.60
CA GLY C 140 -21.19 0.41 14.25
C GLY C 140 -22.07 0.09 15.45
N THR C 141 -22.47 -1.18 15.53
CA THR C 141 -23.27 -1.67 16.65
C THR C 141 -23.06 -0.91 17.96
N MET C 142 -21.90 -1.11 18.57
CA MET C 142 -21.66 -0.66 19.92
C MET C 142 -21.14 0.77 20.00
N GLY C 143 -21.00 1.44 18.85
CA GLY C 143 -20.52 2.80 18.81
C GLY C 143 -19.45 3.11 19.86
N ASN C 144 -18.54 2.16 20.07
CA ASN C 144 -17.46 2.31 21.03
C ASN C 144 -16.15 2.59 20.32
N MET C 145 -15.79 3.85 20.20
CA MET C 145 -14.59 4.25 19.48
C MET C 145 -13.29 3.80 20.12
N PHE C 146 -13.29 3.65 21.44
CA PHE C 146 -12.06 3.36 22.18
C PHE C 146 -11.41 2.04 21.77
N SER C 147 -12.15 0.96 21.90
CA SER C 147 -11.67 -0.38 21.54
C SER C 147 -11.70 -0.64 20.03
N PHE C 148 -12.54 0.10 19.31
CA PHE C 148 -12.50 0.05 17.86
C PHE C 148 -11.07 0.34 17.43
N ALA C 149 -10.51 1.42 17.97
CA ALA C 149 -9.16 1.85 17.58
C ALA C 149 -8.07 0.90 18.09
N ALA C 150 -8.28 0.41 19.31
CA ALA C 150 -7.35 -0.56 19.89
C ALA C 150 -7.28 -1.78 18.97
N VAL C 151 -8.44 -2.25 18.52
CA VAL C 151 -8.50 -3.38 17.61
C VAL C 151 -7.80 -3.06 16.29
N MET C 152 -8.17 -1.96 15.64
CA MET C 152 -7.47 -1.49 14.45
C MET C 152 -5.95 -1.41 14.66
N GLY C 153 -5.55 -1.01 15.87
CA GLY C 153 -4.14 -0.94 16.22
C GLY C 153 -3.46 -2.28 16.10
N ALA C 154 -4.12 -3.31 16.64
CA ALA C 154 -3.65 -4.68 16.44
C ALA C 154 -3.52 -5.07 14.96
N LEU C 155 -4.50 -4.68 14.15
CA LEU C 155 -4.54 -5.09 12.75
C LEU C 155 -3.47 -4.41 11.92
N ASP C 156 -3.02 -3.24 12.39
CA ASP C 156 -2.07 -2.43 11.63
C ASP C 156 -0.64 -2.60 12.14
N MET C 157 -0.46 -3.46 13.14
CA MET C 157 0.88 -3.76 13.61
C MET C 157 1.72 -4.36 12.49
N ALA C 158 2.89 -3.80 12.26
CA ALA C 158 3.78 -4.31 11.22
C ALA C 158 3.91 -5.82 11.35
N GLN C 159 3.94 -6.31 12.59
CA GLN C 159 4.06 -7.75 12.81
C GLN C 159 2.93 -8.50 12.11
N ILE C 160 1.75 -7.92 12.14
CA ILE C 160 0.56 -8.52 11.55
C ILE C 160 0.50 -8.23 10.06
N SER C 161 0.74 -6.97 9.73
CA SER C 161 0.70 -6.54 8.35
C SER C 161 1.63 -7.40 7.46
N ARG C 162 2.75 -7.84 8.01
CA ARG C 162 3.77 -8.56 7.24
C ARG C 162 3.43 -10.03 6.90
N LEU C 163 2.29 -10.54 7.35
CA LEU C 163 1.91 -11.92 7.08
C LEU C 163 1.24 -12.08 5.72
N GLU C 164 1.98 -11.84 4.64
CA GLU C 164 1.42 -11.87 3.29
C GLU C 164 0.47 -13.04 3.02
N GLN C 165 0.90 -14.25 3.34
CA GLN C 165 0.05 -15.42 3.10
C GLN C 165 -1.34 -15.26 3.73
N THR C 166 -1.37 -14.83 4.98
CA THR C 166 -2.61 -14.73 5.73
C THR C 166 -3.54 -13.71 5.12
N TRP C 167 -2.99 -12.55 4.78
CA TRP C 167 -3.81 -11.48 4.21
C TRP C 167 -4.27 -11.85 2.82
N VAL C 168 -3.41 -12.53 2.05
CA VAL C 168 -3.79 -12.93 0.71
C VAL C 168 -5.01 -13.85 0.72
N THR C 169 -5.02 -14.83 1.61
CA THR C 169 -6.16 -15.74 1.65
C THR C 169 -7.38 -14.99 2.18
N LEU C 170 -7.15 -13.93 2.93
CA LEU C 170 -8.26 -13.12 3.48
C LEU C 170 -8.96 -12.36 2.36
N ARG C 171 -8.18 -11.87 1.40
CA ARG C 171 -8.72 -11.17 0.25
C ARG C 171 -9.39 -12.14 -0.71
N GLN C 172 -9.11 -13.43 -0.53
CA GLN C 172 -9.62 -14.45 -1.43
C GLN C 172 -10.86 -15.14 -0.87
N ARG C 173 -10.83 -15.41 0.42
CA ARG C 173 -11.87 -16.22 1.06
C ARG C 173 -12.78 -15.40 1.95
N HIS C 174 -12.40 -14.14 2.16
CA HIS C 174 -13.19 -13.21 2.96
C HIS C 174 -13.20 -11.85 2.28
N THR C 175 -13.34 -11.87 0.96
CA THR C 175 -13.20 -10.67 0.15
C THR C 175 -13.93 -9.47 0.73
N GLU C 176 -15.17 -9.68 1.13
CA GLU C 176 -15.97 -8.59 1.68
C GLU C 176 -15.35 -7.98 2.93
N GLY C 177 -14.94 -8.84 3.86
CA GLY C 177 -14.30 -8.39 5.09
C GLY C 177 -13.07 -7.54 4.82
N ALA C 178 -12.36 -7.85 3.75
CA ALA C 178 -11.14 -7.13 3.40
C ALA C 178 -11.43 -5.74 2.86
N ILE C 179 -12.50 -5.63 2.09
CA ILE C 179 -12.90 -4.38 1.47
C ILE C 179 -13.35 -3.41 2.55
N LEU C 180 -14.01 -3.95 3.57
CA LEU C 180 -14.61 -3.15 4.62
C LEU C 180 -13.54 -2.56 5.50
N TYR C 181 -12.50 -3.35 5.76
CA TYR C 181 -11.33 -2.89 6.50
C TYR C 181 -10.56 -1.81 5.72
N GLU C 182 -10.00 -2.17 4.57
CA GLU C 182 -9.13 -1.27 3.82
C GLU C 182 -9.80 0.03 3.38
N LYS C 183 -11.09 -0.04 3.05
CA LYS C 183 -11.76 1.07 2.39
C LYS C 183 -12.86 1.74 3.21
N LYS C 184 -13.22 1.12 4.34
CA LYS C 184 -14.19 1.72 5.24
C LYS C 184 -13.62 1.94 6.64
N LEU C 185 -13.31 0.83 7.33
CA LEU C 185 -12.77 0.88 8.68
C LEU C 185 -11.53 1.74 8.82
N LYS C 186 -10.53 1.50 7.98
CA LYS C 186 -9.28 2.25 8.10
C LYS C 186 -9.43 3.74 7.83
N PRO C 187 -10.10 4.10 6.72
CA PRO C 187 -10.21 5.52 6.36
C PRO C 187 -11.10 6.24 7.36
N PHE C 188 -11.98 5.49 8.02
CA PHE C 188 -12.86 6.10 9.01
C PHE C 188 -12.09 6.41 10.29
N LEU C 189 -11.19 5.49 10.66
CA LEU C 189 -10.36 5.71 11.84
C LEU C 189 -9.44 6.87 11.58
N LYS C 190 -8.87 6.92 10.38
CA LYS C 190 -8.02 8.03 10.00
C LYS C 190 -8.82 9.31 10.21
N SER C 191 -10.06 9.28 9.73
CA SER C 191 -10.98 10.41 9.89
C SER C 191 -11.01 10.94 11.34
N LEU C 192 -11.40 10.07 12.27
CA LEU C 192 -11.41 10.42 13.69
C LEU C 192 -10.11 11.09 14.10
N ASN C 193 -9.02 10.33 14.00
CA ASN C 193 -7.70 10.86 14.32
C ASN C 193 -7.35 12.17 13.63
N GLU C 194 -8.15 12.59 12.66
CA GLU C 194 -7.92 13.86 11.97
C GLU C 194 -8.79 14.96 12.60
N GLY C 195 -9.41 14.65 13.72
CA GLY C 195 -10.23 15.61 14.43
C GLY C 195 -11.52 15.86 13.68
N LYS C 196 -11.79 15.02 12.70
CA LYS C 196 -13.00 15.14 11.92
C LYS C 196 -14.20 14.67 12.75
N GLU C 197 -15.36 14.58 12.11
CA GLU C 197 -16.60 14.21 12.80
C GLU C 197 -16.67 12.73 13.16
N GLY C 198 -17.17 12.45 14.36
CA GLY C 198 -17.31 11.09 14.85
C GLY C 198 -18.54 10.41 14.29
N PRO C 199 -19.07 9.41 15.01
CA PRO C 199 -20.29 8.73 14.58
C PRO C 199 -21.53 9.38 15.19
N PRO C 200 -22.71 8.77 14.97
CA PRO C 200 -23.95 9.29 15.54
C PRO C 200 -23.92 9.35 17.08
N LEU C 201 -23.81 10.55 17.63
CA LEU C 201 -23.87 10.73 19.09
C LEU C 201 -25.03 9.95 19.71
N SER C 202 -26.02 9.63 18.88
CA SER C 202 -27.19 8.89 19.32
C SER C 202 -26.90 7.40 19.39
N ASN C 203 -25.71 7.03 18.94
CA ASN C 203 -25.29 5.63 18.90
C ASN C 203 -23.92 5.46 19.53
N THR C 204 -23.25 6.59 19.78
CA THR C 204 -21.92 6.60 20.35
C THR C 204 -21.96 6.28 21.83
N THR C 205 -21.19 5.28 22.23
CA THR C 205 -21.19 4.82 23.60
C THR C 205 -19.88 5.20 24.28
N PHE C 206 -18.90 5.55 23.46
CA PHE C 206 -17.57 5.88 23.95
C PHE C 206 -16.88 6.72 22.89
N PRO C 207 -16.91 8.05 23.07
CA PRO C 207 -16.38 8.98 22.07
C PRO C 207 -14.88 8.83 21.90
N HIS C 208 -14.39 9.22 20.73
CA HIS C 208 -12.99 9.01 20.38
C HIS C 208 -12.09 9.91 21.22
N VAL C 209 -11.51 9.36 22.27
CA VAL C 209 -10.70 10.19 23.19
C VAL C 209 -9.19 10.02 23.02
N LEU C 210 -8.75 8.84 22.58
CA LEU C 210 -7.34 8.49 22.59
C LEU C 210 -6.38 9.60 22.11
N PRO C 211 -6.77 10.36 21.08
CA PRO C 211 -5.94 11.53 20.71
C PRO C 211 -5.89 12.58 21.83
N LEU C 212 -7.01 12.84 22.48
CA LEU C 212 -7.04 13.83 23.56
C LEU C 212 -6.10 13.39 24.66
N ILE C 213 -6.40 12.25 25.27
CA ILE C 213 -5.62 11.77 26.39
C ILE C 213 -4.15 11.63 26.04
N THR C 214 -3.86 11.44 24.75
CA THR C 214 -2.48 11.38 24.28
C THR C 214 -1.86 12.77 24.18
N LEU C 215 -2.68 13.78 23.92
CA LEU C 215 -2.21 15.16 23.92
C LEU C 215 -1.84 15.62 25.34
N LEU C 216 -2.78 15.48 26.26
CA LEU C 216 -2.59 15.97 27.62
C LEU C 216 -1.38 15.32 28.28
N GLU C 217 -1.30 14.00 28.21
CA GLU C 217 -0.16 13.28 28.74
C GLU C 217 1.00 13.28 27.76
N SER C 218 1.81 14.33 27.80
CA SER C 218 2.94 14.44 26.87
C SER C 218 4.29 14.46 27.58
N GLU C 233 3.75 15.86 16.01
CA GLU C 233 3.04 14.74 15.41
C GLU C 233 1.71 15.18 14.77
N HIS C 234 0.73 15.49 15.62
CA HIS C 234 -0.54 16.08 15.18
C HIS C 234 -0.27 17.48 14.60
N GLY C 235 -1.03 17.88 13.59
CA GLY C 235 -0.99 19.23 13.07
C GLY C 235 -1.61 20.26 14.02
N VAL C 236 -1.38 21.54 13.75
CA VAL C 236 -1.78 22.57 14.71
C VAL C 236 -3.28 22.78 14.83
N GLU C 237 -3.98 22.69 13.72
CA GLU C 237 -5.42 22.92 13.74
C GLU C 237 -6.14 21.70 14.26
N VAL C 238 -5.69 20.52 13.87
CA VAL C 238 -6.34 19.30 14.35
C VAL C 238 -6.18 19.22 15.86
N VAL C 239 -5.13 19.84 16.40
CA VAL C 239 -4.90 19.82 17.84
C VAL C 239 -5.97 20.64 18.56
N LEU C 240 -6.24 21.84 18.04
CA LEU C 240 -7.32 22.64 18.57
C LEU C 240 -8.63 21.89 18.39
N ALA C 241 -8.76 21.23 17.24
CA ALA C 241 -10.00 20.55 16.87
C ALA C 241 -10.37 19.48 17.88
N HIS C 242 -9.38 18.69 18.30
CA HIS C 242 -9.63 17.71 19.35
C HIS C 242 -10.10 18.42 20.64
N LEU C 243 -9.34 19.42 21.07
CA LEU C 243 -9.65 20.19 22.28
C LEU C 243 -11.02 20.84 22.25
N GLU C 244 -11.37 21.47 21.13
CA GLU C 244 -12.73 21.97 20.95
C GLU C 244 -13.78 20.85 21.02
N ALA C 245 -13.46 19.71 20.42
CA ALA C 245 -14.39 18.59 20.43
C ALA C 245 -14.46 17.97 21.83
N ALA C 246 -13.34 17.97 22.54
CA ALA C 246 -13.25 17.42 23.89
C ALA C 246 -14.24 18.08 24.84
N ARG C 247 -14.44 19.38 24.65
CA ARG C 247 -15.42 20.13 25.43
C ARG C 247 -16.81 19.51 25.28
N THR C 248 -16.98 18.72 24.24
CA THR C 248 -18.28 18.09 23.97
C THR C 248 -18.39 16.73 24.63
N VAL C 249 -17.27 16.00 24.67
CA VAL C 249 -17.25 14.71 25.33
C VAL C 249 -17.55 14.87 26.82
N ALA C 250 -16.98 15.91 27.42
CA ALA C 250 -17.24 16.18 28.83
C ALA C 250 -18.69 16.60 28.98
N HIS C 251 -19.10 17.56 28.15
CA HIS C 251 -20.45 18.09 28.23
C HIS C 251 -21.52 17.03 28.03
N HIS C 252 -21.18 15.96 27.32
CA HIS C 252 -22.17 14.93 27.00
C HIS C 252 -21.91 13.61 27.73
N GLY C 253 -20.99 13.62 28.68
CA GLY C 253 -20.72 12.44 29.49
C GLY C 253 -21.98 11.69 29.92
N GLY C 254 -22.99 12.41 30.37
CA GLY C 254 -24.21 11.79 30.84
C GLY C 254 -24.87 11.03 29.73
N LEU C 255 -24.72 11.54 28.52
CA LEU C 255 -25.30 10.97 27.31
C LEU C 255 -24.76 9.57 27.00
N TYR C 256 -23.44 9.48 26.83
CA TYR C 256 -22.79 8.19 26.57
C TYR C 256 -23.24 7.15 27.57
N HIS C 257 -23.44 7.58 28.81
CA HIS C 257 -23.94 6.70 29.85
C HIS C 257 -25.30 6.15 29.44
N THR C 258 -26.14 7.02 28.88
CA THR C 258 -27.49 6.63 28.50
C THR C 258 -27.51 5.74 27.25
N ASN C 259 -26.65 6.04 26.28
CA ASN C 259 -26.53 5.18 25.09
C ASN C 259 -25.92 3.83 25.46
N ALA C 260 -24.97 3.86 26.39
CA ALA C 260 -24.38 2.63 26.93
C ALA C 260 -25.43 1.81 27.68
N GLU C 261 -26.09 2.44 28.64
CA GLU C 261 -27.12 1.78 29.43
C GLU C 261 -28.13 1.10 28.52
N VAL C 262 -28.43 1.76 27.41
CA VAL C 262 -29.35 1.22 26.41
C VAL C 262 -28.77 -0.02 25.74
N LYS C 263 -27.63 0.14 25.06
CA LYS C 263 -27.06 -0.93 24.25
C LYS C 263 -26.59 -2.14 25.07
N LEU C 264 -26.28 -1.91 26.34
CA LEU C 264 -25.93 -3.01 27.23
C LEU C 264 -27.04 -3.37 28.20
N GLN C 265 -28.26 -2.98 27.85
CA GLN C 265 -29.44 -3.34 28.62
C GLN C 265 -29.64 -4.85 28.56
N GLY C 266 -30.09 -5.43 29.66
CA GLY C 266 -30.27 -6.87 29.73
C GLY C 266 -29.05 -7.55 29.15
N PHE C 267 -27.89 -7.30 29.74
CA PHE C 267 -26.66 -7.87 29.25
C PHE C 267 -26.04 -8.87 30.21
N GLN C 268 -25.73 -10.05 29.70
CA GLN C 268 -25.23 -11.15 30.51
C GLN C 268 -23.96 -11.71 29.88
N ALA C 269 -22.96 -11.97 30.72
CA ALA C 269 -21.65 -12.36 30.20
C ALA C 269 -20.95 -13.44 31.02
N ARG C 270 -20.31 -14.37 30.31
CA ARG C 270 -19.49 -15.38 30.96
C ARG C 270 -18.23 -14.73 31.51
N PRO C 271 -18.12 -14.68 32.83
CA PRO C 271 -17.04 -13.98 33.54
C PRO C 271 -15.66 -14.39 33.03
N GLU C 272 -15.54 -15.63 32.55
CA GLU C 272 -14.30 -16.10 31.98
C GLU C 272 -13.81 -15.11 30.93
N LEU C 273 -14.65 -14.84 29.95
CA LEU C 273 -14.30 -13.90 28.89
C LEU C 273 -14.00 -12.52 29.45
N LEU C 274 -14.74 -12.12 30.48
CA LEU C 274 -14.55 -10.80 31.07
C LEU C 274 -13.14 -10.64 31.62
N GLU C 275 -12.69 -11.63 32.41
CA GLU C 275 -11.33 -11.61 32.95
C GLU C 275 -10.33 -11.64 31.80
N VAL C 276 -10.85 -11.75 30.58
CA VAL C 276 -10.01 -11.78 29.38
C VAL C 276 -9.98 -10.42 28.67
N PHE C 277 -10.93 -9.55 29.00
CA PHE C 277 -10.87 -8.17 28.53
C PHE C 277 -10.46 -7.28 29.69
N SER C 278 -9.80 -7.88 30.67
CA SER C 278 -9.28 -7.13 31.79
C SER C 278 -7.82 -6.83 31.56
N THR C 279 -7.49 -5.54 31.47
CA THR C 279 -6.10 -5.11 31.40
C THR C 279 -5.28 -5.78 32.49
N GLU C 280 -5.88 -5.94 33.68
CA GLU C 280 -5.20 -6.59 34.79
C GLU C 280 -4.65 -7.96 34.38
N PHE C 281 -5.55 -8.84 33.92
CA PHE C 281 -5.16 -10.20 33.58
C PHE C 281 -4.25 -10.26 32.35
N GLN C 282 -4.51 -9.40 31.38
CA GLN C 282 -3.65 -9.33 30.20
C GLN C 282 -2.20 -9.22 30.63
N MET C 283 -1.92 -8.27 31.52
CA MET C 283 -0.55 -8.01 31.94
C MET C 283 0.14 -9.25 32.48
N ARG C 284 -0.55 -9.98 33.36
CA ARG C 284 0.01 -11.17 33.98
C ARG C 284 0.34 -12.22 32.91
N LEU C 285 -0.48 -12.27 31.87
CA LEU C 285 -0.34 -13.28 30.83
C LEU C 285 0.82 -12.95 29.87
N LEU C 286 0.92 -11.68 29.50
CA LEU C 286 1.94 -11.25 28.56
C LEU C 286 3.33 -11.47 29.13
N TRP C 287 3.53 -10.95 30.34
CA TRP C 287 4.87 -10.89 30.94
C TRP C 287 4.99 -11.75 32.19
N GLY C 288 4.03 -12.64 32.41
CA GLY C 288 4.03 -13.50 33.58
C GLY C 288 3.99 -12.69 34.87
N SER C 289 3.51 -13.29 35.94
CA SER C 289 3.51 -12.59 37.23
C SER C 289 4.95 -12.19 37.57
N GLN C 290 5.12 -11.00 38.14
CA GLN C 290 6.44 -10.44 38.42
C GLN C 290 6.87 -9.44 37.35
N GLY C 291 6.98 -9.93 36.12
CA GLY C 291 7.31 -9.08 34.99
C GLY C 291 6.13 -8.18 34.65
N ALA C 292 4.96 -8.52 35.19
CA ALA C 292 3.76 -7.72 35.03
C ALA C 292 3.89 -6.40 35.79
N SER C 293 4.78 -6.37 36.77
CA SER C 293 5.00 -5.18 37.57
C SER C 293 6.07 -4.29 36.96
N SER C 294 6.85 -4.86 36.05
CA SER C 294 7.93 -4.13 35.40
C SER C 294 7.42 -2.89 34.66
N SER C 295 8.33 -2.10 34.10
CA SER C 295 7.96 -0.86 33.45
C SER C 295 7.25 -1.09 32.12
N GLN C 296 6.30 -0.22 31.81
CA GLN C 296 5.55 -0.26 30.57
C GLN C 296 6.52 -0.25 29.39
N ALA C 297 7.39 0.76 29.36
CA ALA C 297 8.32 0.92 28.26
C ALA C 297 9.19 -0.30 28.06
N ARG C 298 9.63 -0.92 29.15
CA ARG C 298 10.44 -2.13 29.07
C ARG C 298 9.55 -3.32 28.71
N ARG C 299 8.28 -3.24 29.09
CA ARG C 299 7.33 -4.29 28.77
C ARG C 299 6.99 -4.31 27.28
N TYR C 300 6.60 -3.15 26.77
CA TYR C 300 6.28 -2.99 25.36
C TYR C 300 7.47 -3.31 24.46
N GLU C 301 8.62 -2.70 24.75
CA GLU C 301 9.85 -3.03 24.06
C GLU C 301 9.99 -4.53 23.95
N LYS C 302 10.25 -5.16 25.08
CA LYS C 302 10.55 -6.58 25.12
C LYS C 302 9.54 -7.41 24.33
N PHE C 303 8.26 -7.24 24.66
CA PHE C 303 7.24 -8.04 24.01
C PHE C 303 7.13 -7.74 22.53
N ASP C 304 7.60 -6.56 22.14
CA ASP C 304 7.55 -6.15 20.74
C ASP C 304 8.49 -6.99 19.90
N LYS C 305 9.64 -7.35 20.47
CA LYS C 305 10.57 -8.22 19.78
C LYS C 305 10.01 -9.63 19.70
N VAL C 306 9.13 -9.96 20.65
CA VAL C 306 8.45 -11.24 20.65
C VAL C 306 7.56 -11.32 19.43
N LEU C 307 6.68 -10.34 19.30
CA LEU C 307 5.83 -10.26 18.11
C LEU C 307 6.65 -10.51 16.86
N THR C 308 7.70 -9.72 16.67
CA THR C 308 8.51 -9.83 15.47
C THR C 308 8.98 -11.27 15.25
N ALA C 309 9.57 -11.87 16.27
CA ALA C 309 10.00 -13.26 16.21
C ALA C 309 8.81 -14.19 15.96
N LEU C 310 7.73 -13.99 16.71
CA LEU C 310 6.53 -14.79 16.52
C LEU C 310 5.92 -14.66 15.12
N SER C 311 6.23 -13.55 14.45
CA SER C 311 5.68 -13.29 13.13
C SER C 311 6.58 -13.82 12.02
N HIS C 312 7.86 -13.98 12.33
CA HIS C 312 8.79 -14.53 11.36
C HIS C 312 8.82 -16.04 11.52
N LYS C 313 8.50 -16.49 12.72
CA LYS C 313 8.38 -17.91 12.97
C LYS C 313 7.14 -18.40 12.27
N LEU C 314 6.12 -17.54 12.21
CA LEU C 314 4.85 -17.87 11.58
C LEU C 314 4.96 -17.90 10.06
N GLU C 315 5.44 -16.82 9.47
CA GLU C 315 5.68 -16.78 8.03
C GLU C 315 7.06 -16.20 7.77
N PRO C 316 8.08 -17.08 7.68
CA PRO C 316 9.47 -16.67 7.45
C PRO C 316 9.56 -15.88 6.16
N ALA C 317 10.18 -14.70 6.22
CA ALA C 317 10.17 -13.80 5.07
C ALA C 317 11.09 -14.22 3.92
N VAL C 318 11.24 -15.52 3.73
CA VAL C 318 12.14 -16.03 2.68
C VAL C 318 11.53 -15.95 1.28
N GLN D 99 -16.32 27.24 47.76
CA GLN D 99 -16.38 26.02 48.56
C GLN D 99 -15.40 24.97 48.03
N LEU D 100 -15.40 24.75 46.72
CA LEU D 100 -14.46 23.81 46.08
C LEU D 100 -13.65 24.50 44.96
N LEU D 101 -13.37 25.78 45.16
CA LEU D 101 -12.46 26.51 44.28
C LEU D 101 -11.04 26.24 44.73
N LEU D 102 -10.93 25.91 46.01
CA LEU D 102 -9.65 25.79 46.72
C LEU D 102 -8.64 24.86 46.05
N PHE D 103 -9.07 24.15 45.00
CA PHE D 103 -8.14 23.34 44.24
C PHE D 103 -8.09 23.75 42.78
N TYR D 104 -9.26 23.88 42.14
CA TYR D 104 -9.32 24.29 40.74
C TYR D 104 -8.38 25.46 40.51
N LEU D 105 -8.36 26.40 41.46
CA LEU D 105 -7.43 27.52 41.40
C LEU D 105 -6.00 26.99 41.51
N GLU D 106 -5.77 26.13 42.49
CA GLU D 106 -4.46 25.50 42.70
C GLU D 106 -3.99 24.74 41.47
N GLN D 107 -4.89 23.94 40.91
CA GLN D 107 -4.59 23.19 39.69
C GLN D 107 -4.48 24.12 38.50
N CYS D 108 -5.21 25.24 38.54
CA CYS D 108 -5.07 26.28 37.54
C CYS D 108 -3.73 26.99 37.64
N GLU D 109 -3.23 27.17 38.86
CA GLU D 109 -1.95 27.83 39.05
C GLU D 109 -0.80 26.95 38.60
N ALA D 110 -1.05 25.65 38.54
CA ALA D 110 -0.03 24.69 38.11
C ALA D 110 0.23 24.82 36.61
N ASN D 111 -0.80 25.27 35.89
CA ASN D 111 -0.72 25.37 34.44
C ASN D 111 -0.37 26.76 33.92
N LEU D 112 -0.61 27.78 34.74
CA LEU D 112 -0.19 29.12 34.37
C LEU D 112 1.32 29.22 34.41
N THR D 113 1.94 28.36 35.21
CA THR D 113 3.40 28.38 35.30
C THR D 113 3.99 27.81 34.01
N THR D 114 3.39 26.74 33.50
CA THR D 114 3.86 26.11 32.28
C THR D 114 3.49 26.96 31.06
N LEU D 115 2.29 27.54 31.12
CA LEU D 115 1.75 28.37 30.05
C LEU D 115 2.53 29.66 29.93
N THR D 116 2.75 30.30 31.07
CA THR D 116 3.46 31.57 31.16
C THR D 116 4.76 31.57 30.38
N ASN D 117 5.44 30.44 30.42
CA ASN D 117 6.71 30.28 29.72
C ASN D 117 6.50 29.82 28.28
N ALA D 118 5.47 29.03 28.06
CA ALA D 118 5.07 28.74 26.68
C ALA D 118 4.97 30.08 25.98
N VAL D 119 4.19 30.98 26.56
CA VAL D 119 4.04 32.32 26.02
C VAL D 119 5.40 33.00 25.88
N ASP D 120 6.22 32.85 26.92
CA ASP D 120 7.59 33.37 26.95
C ASP D 120 8.46 32.94 25.75
N ALA D 121 8.60 31.65 25.53
CA ALA D 121 9.40 31.15 24.43
C ALA D 121 8.87 31.70 23.11
N PHE D 122 7.55 31.62 22.94
CA PHE D 122 6.90 32.06 21.70
C PHE D 122 7.32 33.47 21.29
N PHE D 123 7.05 34.44 22.16
CA PHE D 123 7.47 35.83 21.94
C PHE D 123 8.96 35.93 21.56
N THR D 124 9.82 35.24 22.31
CA THR D 124 11.24 35.17 22.00
C THR D 124 11.49 34.62 20.58
N ALA D 125 10.68 33.67 20.15
CA ALA D 125 10.83 33.05 18.84
C ALA D 125 10.43 33.97 17.67
N VAL D 126 9.33 34.68 17.83
CA VAL D 126 8.98 35.72 16.88
C VAL D 126 9.91 36.93 17.03
N ALA D 127 10.39 37.18 18.24
CA ALA D 127 11.28 38.31 18.43
C ALA D 127 12.57 38.10 17.65
N THR D 128 13.06 36.85 17.66
CA THR D 128 14.35 36.52 17.07
C THR D 128 14.21 35.93 15.67
N ASN D 129 13.16 36.35 14.97
CA ASN D 129 12.91 35.98 13.57
C ASN D 129 13.01 34.49 13.23
N GLN D 130 12.57 33.64 14.15
CA GLN D 130 12.55 32.21 13.90
C GLN D 130 11.53 31.91 12.81
N PRO D 131 11.73 30.80 12.09
CA PRO D 131 10.77 30.40 11.04
C PRO D 131 9.60 29.64 11.64
N PRO D 132 8.58 29.34 10.82
CA PRO D 132 7.37 28.63 11.23
C PRO D 132 7.63 27.32 11.97
N LYS D 133 8.54 26.51 11.45
CA LYS D 133 8.86 25.23 12.05
C LYS D 133 8.98 25.47 13.55
N ILE D 134 9.61 26.60 13.86
CA ILE D 134 9.79 26.96 15.25
C ILE D 134 8.59 27.67 15.87
N PHE D 135 8.23 28.85 15.36
CA PHE D 135 7.24 29.61 16.11
C PHE D 135 5.87 28.94 16.11
N VAL D 136 5.64 28.08 15.12
CA VAL D 136 4.42 27.29 15.09
C VAL D 136 4.42 26.20 16.16
N ALA D 137 5.58 25.55 16.33
CA ALA D 137 5.78 24.64 17.42
C ALA D 137 5.36 25.27 18.76
N HIS D 138 5.75 26.52 18.96
CA HIS D 138 5.52 27.17 20.26
C HIS D 138 4.05 27.52 20.38
N SER D 139 3.44 27.77 19.24
CA SER D 139 2.03 28.09 19.20
C SER D 139 1.19 26.87 19.59
N LYS D 140 1.50 25.72 19.02
CA LYS D 140 0.91 24.46 19.50
C LYS D 140 0.99 24.42 21.03
N PHE D 141 2.20 24.49 21.56
CA PHE D 141 2.43 24.34 23.01
C PHE D 141 1.61 25.31 23.86
N VAL D 142 1.37 26.50 23.32
CA VAL D 142 0.65 27.52 24.05
C VAL D 142 -0.84 27.23 24.06
N ILE D 143 -1.38 26.96 22.87
CA ILE D 143 -2.77 26.56 22.71
C ILE D 143 -3.10 25.40 23.65
N LEU D 144 -2.22 24.40 23.69
CA LEU D 144 -2.40 23.25 24.57
C LEU D 144 -2.57 23.70 26.02
N SER D 145 -1.46 24.03 26.70
CA SER D 145 -1.53 24.54 28.08
C SER D 145 -2.77 25.44 28.30
N ALA D 146 -2.92 26.49 27.49
CA ALA D 146 -4.02 27.44 27.65
C ALA D 146 -5.38 26.75 27.69
N HIS D 147 -5.62 25.85 26.74
CA HIS D 147 -6.90 25.16 26.71
C HIS D 147 -7.17 24.36 27.97
N LYS D 148 -6.14 24.02 28.74
CA LYS D 148 -6.35 23.25 29.96
C LYS D 148 -7.25 24.02 30.91
N LEU D 149 -7.03 25.33 31.01
CA LEU D 149 -7.95 26.20 31.74
C LEU D 149 -9.37 25.94 31.27
N VAL D 150 -9.55 26.02 29.96
CA VAL D 150 -10.88 25.90 29.34
C VAL D 150 -11.60 24.63 29.76
N PHE D 151 -10.83 23.61 30.13
CA PHE D 151 -11.41 22.40 30.69
C PHE D 151 -11.96 22.63 32.10
N ILE D 152 -11.18 23.29 32.94
CA ILE D 152 -11.64 23.64 34.28
C ILE D 152 -12.70 24.74 34.19
N GLY D 153 -12.40 25.77 33.41
CA GLY D 153 -13.31 26.88 33.21
C GLY D 153 -14.66 26.38 32.74
N ASP D 154 -14.66 25.18 32.18
CA ASP D 154 -15.90 24.52 31.75
C ASP D 154 -16.56 23.83 32.93
N THR D 155 -15.80 23.00 33.62
CA THR D 155 -16.30 22.24 34.77
C THR D 155 -17.10 23.12 35.74
N LEU D 156 -16.62 24.34 35.96
CA LEU D 156 -17.26 25.27 36.88
C LEU D 156 -18.73 25.40 36.54
N SER D 157 -19.02 25.86 35.33
CA SER D 157 -20.38 26.06 34.87
C SER D 157 -21.25 24.80 35.06
N ARG D 158 -20.59 23.67 35.22
CA ARG D 158 -21.27 22.37 35.30
C ARG D 158 -21.26 21.79 36.72
N GLN D 159 -20.55 22.44 37.64
CA GLN D 159 -20.41 21.92 38.99
C GLN D 159 -20.97 22.86 40.06
N ALA D 160 -20.57 24.13 39.99
CA ALA D 160 -20.98 25.13 40.97
C ALA D 160 -22.49 25.21 41.09
N LYS D 161 -22.96 25.54 42.29
CA LYS D 161 -24.40 25.69 42.55
C LYS D 161 -24.82 27.16 42.48
N ALA D 162 -23.84 28.06 42.51
CA ALA D 162 -24.10 29.49 42.39
C ALA D 162 -24.45 29.88 40.95
N ALA D 163 -25.13 31.01 40.79
CA ALA D 163 -25.58 31.45 39.47
C ALA D 163 -24.69 32.51 38.85
N ASP D 164 -24.10 33.37 39.67
CA ASP D 164 -23.13 34.34 39.19
C ASP D 164 -21.82 33.62 38.91
N VAL D 165 -21.60 32.52 39.63
CA VAL D 165 -20.43 31.69 39.46
C VAL D 165 -20.43 31.05 38.08
N ARG D 166 -21.38 30.14 37.86
CA ARG D 166 -21.55 29.54 36.54
C ARG D 166 -21.66 30.61 35.47
N SER D 167 -22.05 31.82 35.86
CA SER D 167 -22.10 32.93 34.91
C SER D 167 -20.69 33.37 34.56
N GLN D 168 -20.00 33.93 35.56
CA GLN D 168 -18.61 34.36 35.40
C GLN D 168 -17.76 33.42 34.53
N VAL D 169 -17.55 32.20 35.04
CA VAL D 169 -16.64 31.24 34.40
C VAL D 169 -16.93 31.01 32.92
N THR D 170 -18.21 31.04 32.55
CA THR D 170 -18.60 30.78 31.17
C THR D 170 -18.10 31.88 30.23
N HIS D 171 -18.32 33.13 30.62
CA HIS D 171 -17.87 34.27 29.85
C HIS D 171 -16.41 34.13 29.44
N TYR D 172 -15.51 34.19 30.41
CA TYR D 172 -14.08 34.05 30.16
C TYR D 172 -13.79 32.77 29.39
N SER D 173 -13.95 31.64 30.07
CA SER D 173 -13.71 30.32 29.49
C SER D 173 -13.97 30.31 27.98
N ASN D 174 -15.15 30.78 27.59
CA ASN D 174 -15.51 30.90 26.18
C ASN D 174 -14.57 31.83 25.42
N LEU D 175 -14.42 33.05 25.94
CA LEU D 175 -13.55 34.06 25.34
C LEU D 175 -12.16 33.50 25.03
N LEU D 176 -11.59 32.77 25.98
CA LEU D 176 -10.35 32.08 25.74
C LEU D 176 -10.51 31.24 24.49
N CYS D 177 -11.55 30.40 24.47
CA CYS D 177 -11.81 29.55 23.32
C CYS D 177 -11.85 30.34 22.00
N ASP D 178 -12.33 31.58 22.08
CA ASP D 178 -12.32 32.45 20.91
C ASP D 178 -10.92 32.97 20.61
N LEU D 179 -10.18 33.25 21.67
CA LEU D 179 -8.81 33.71 21.54
C LEU D 179 -7.97 32.58 21.00
N LEU D 180 -8.25 31.36 21.44
CA LEU D 180 -7.51 30.21 20.98
C LEU D 180 -7.74 30.01 19.48
N ARG D 181 -8.99 30.09 19.05
CA ARG D 181 -9.25 29.95 17.63
C ARG D 181 -8.50 31.05 16.90
N GLY D 182 -8.52 32.25 17.47
CA GLY D 182 -7.85 33.40 16.89
C GLY D 182 -6.35 33.21 16.81
N ILE D 183 -5.82 32.29 17.61
CA ILE D 183 -4.38 32.10 17.69
C ILE D 183 -3.88 31.11 16.64
N VAL D 184 -4.65 30.06 16.38
CA VAL D 184 -4.32 29.16 15.29
C VAL D 184 -4.61 29.80 13.93
N ALA D 185 -5.67 30.59 13.85
CA ALA D 185 -5.97 31.33 12.64
C ALA D 185 -4.83 32.28 12.29
N THR D 186 -4.34 33.05 13.27
CA THR D 186 -3.29 34.03 13.01
C THR D 186 -1.91 33.38 12.85
N THR D 187 -1.69 32.24 13.51
CA THR D 187 -0.44 31.52 13.33
C THR D 187 -0.36 30.89 11.93
N LYS D 188 -1.45 30.25 11.51
CA LYS D 188 -1.54 29.67 10.16
C LYS D 188 -1.29 30.74 9.11
N ALA D 189 -1.90 31.91 9.29
CA ALA D 189 -1.70 33.02 8.37
C ALA D 189 -0.25 33.52 8.43
N ALA D 190 0.33 33.54 9.62
CA ALA D 190 1.72 33.96 9.75
C ALA D 190 2.68 32.99 9.06
N ALA D 191 2.31 31.71 8.99
CA ALA D 191 3.17 30.72 8.34
C ALA D 191 3.06 30.83 6.83
N LEU D 192 1.83 30.94 6.34
CA LEU D 192 1.56 30.90 4.91
C LEU D 192 2.15 32.12 4.21
N GLN D 193 2.33 33.20 4.97
CA GLN D 193 2.91 34.42 4.42
C GLN D 193 4.32 34.70 4.98
N TYR D 194 4.91 33.72 5.63
CA TYR D 194 6.30 33.82 6.04
C TYR D 194 7.22 34.19 4.87
N PRO D 195 8.06 35.22 5.04
CA PRO D 195 8.19 36.11 6.21
C PRO D 195 7.28 37.33 6.13
N SER D 196 6.33 37.44 7.07
CA SER D 196 5.41 38.59 7.07
C SER D 196 5.46 39.43 8.35
N PRO D 197 5.99 40.66 8.24
CA PRO D 197 6.00 41.52 9.43
C PRO D 197 4.59 41.70 10.00
N SER D 198 3.61 42.01 9.15
CA SER D 198 2.23 42.26 9.60
C SER D 198 1.54 41.03 10.20
N ALA D 199 1.59 39.89 9.49
CA ALA D 199 1.03 38.65 10.00
C ALA D 199 1.63 38.26 11.37
N ALA D 200 2.95 38.28 11.47
CA ALA D 200 3.62 38.04 12.74
C ALA D 200 3.08 38.96 13.84
N GLN D 201 2.73 40.19 13.46
CA GLN D 201 2.22 41.15 14.44
C GLN D 201 0.87 40.70 14.99
N ASP D 202 -0.03 40.23 14.13
CA ASP D 202 -1.36 39.81 14.56
C ASP D 202 -1.28 38.65 15.55
N MET D 203 -0.47 37.66 15.18
CA MET D 203 -0.24 36.46 15.99
C MET D 203 0.22 36.86 17.40
N VAL D 204 1.13 37.82 17.45
CA VAL D 204 1.69 38.27 18.72
C VAL D 204 0.72 39.10 19.53
N GLU D 205 -0.23 39.77 18.86
CA GLU D 205 -1.29 40.50 19.57
C GLU D 205 -2.20 39.50 20.26
N ARG D 206 -2.53 38.43 19.54
CA ARG D 206 -3.38 37.37 20.04
C ARG D 206 -2.78 36.77 21.31
N VAL D 207 -1.56 36.25 21.19
CA VAL D 207 -0.84 35.66 22.33
C VAL D 207 -0.74 36.66 23.49
N LYS D 208 -0.26 37.85 23.18
CA LYS D 208 -0.34 38.97 24.11
C LYS D 208 -1.72 38.97 24.78
N GLU D 209 -2.75 39.19 23.97
CA GLU D 209 -4.13 39.30 24.49
C GLU D 209 -4.56 38.02 25.22
N LEU D 210 -4.17 36.88 24.68
CA LEU D 210 -4.47 35.60 25.29
C LEU D 210 -3.91 35.52 26.71
N GLY D 211 -2.64 35.90 26.84
CA GLY D 211 -1.96 35.88 28.13
C GLY D 211 -2.62 36.78 29.15
N HIS D 212 -3.13 37.92 28.70
CA HIS D 212 -3.82 38.83 29.60
C HIS D 212 -5.13 38.23 30.05
N SER D 213 -5.89 37.68 29.11
CA SER D 213 -7.18 37.08 29.44
C SER D 213 -7.05 35.94 30.44
N THR D 214 -6.09 35.05 30.21
CA THR D 214 -5.89 33.90 31.08
C THR D 214 -5.43 34.32 32.47
N GLN D 215 -4.80 35.48 32.57
CA GLN D 215 -4.43 36.04 33.87
C GLN D 215 -5.67 36.60 34.57
N GLN D 216 -6.35 37.52 33.91
CA GLN D 216 -7.57 38.09 34.47
C GLN D 216 -8.67 37.03 34.52
N PHE D 217 -8.29 35.78 34.35
CA PHE D 217 -9.23 34.68 34.56
C PHE D 217 -9.00 34.03 35.91
N ARG D 218 -7.75 34.09 36.38
CA ARG D 218 -7.42 33.67 37.74
C ARG D 218 -7.54 34.88 38.68
N ARG D 219 -7.89 36.02 38.09
CA ARG D 219 -8.29 37.17 38.88
C ARG D 219 -9.72 36.92 39.32
N VAL D 220 -10.66 37.15 38.39
CA VAL D 220 -12.08 36.87 38.61
C VAL D 220 -12.34 35.55 39.32
N LEU D 221 -11.39 34.62 39.16
CA LEU D 221 -11.49 33.31 39.79
C LEU D 221 -11.22 33.42 41.29
N GLY D 222 -10.14 34.13 41.63
CA GLY D 222 -9.72 34.25 43.02
C GLY D 222 -10.58 35.18 43.85
N GLN D 223 -11.47 35.92 43.19
CA GLN D 223 -12.41 36.79 43.87
C GLN D 223 -13.50 35.93 44.48
N LEU D 224 -14.24 35.25 43.60
CA LEU D 224 -15.29 34.32 44.00
C LEU D 224 -14.90 33.53 45.24
N ALA D 225 -13.67 33.01 45.24
CA ALA D 225 -13.19 32.23 46.37
C ALA D 225 -13.22 33.07 47.66
N ALA D 226 -12.22 33.94 47.81
CA ALA D 226 -12.13 34.81 48.97
C ALA D 226 -13.46 35.48 49.27
N ALA D 227 -14.17 35.90 48.22
CA ALA D 227 -15.47 36.56 48.38
C ALA D 227 -16.47 35.69 49.13
N LEU D 228 -16.72 34.49 48.61
CA LEU D 228 -17.59 33.53 49.28
C LEU D 228 -16.99 33.16 50.63
N GLU D 229 -17.36 33.90 51.67
CA GLU D 229 -16.76 33.72 52.98
C GLU D 229 -17.52 34.48 54.07
#